data_4NGF
#
_entry.id   4NGF
#
_cell.length_a   99.245
_cell.length_b   104.191
_cell.length_c   368.640
_cell.angle_alpha   90.00
_cell.angle_beta   90.00
_cell.angle_gamma   90.00
#
_symmetry.space_group_name_H-M   'C 2 2 21'
#
loop_
_entity.id
_entity.type
_entity.pdbx_description
1 polymer 'Endoribonuclease Dicer'
2 polymer "5'-R(P*UP*CP*GP*AP*AP*GP*GP*UP*CP*CP*UP*UP*CP*GP*UP*UP*U)-3'"
#
loop_
_entity_poly.entity_id
_entity_poly.type
_entity_poly.pdbx_seq_one_letter_code
_entity_poly.pdbx_strand_id
1 'polypeptide(L)'
;SDQPCYLYVIGMVLTTPLPDELNFRRRKLYPPEDTTRCFGILTAKPIPQIPHFPVYTRSGEVTISIELKKSGFMLSLQML
ELITRLHQYIFSHILRLEKPALEFKPTDADSAYCVLPLNVVNDSSTLDIDFKFMEDIEKSEARIGIPSTKYTKETPFVFK
LEDYQDAVIIPRYRNFDQPHRFYVADVYTDLTPLSKFPSPEYETFAEYYKTKYNLDLTNLNQPLLDVDHTSSRLNLLTPR
HLNQKGKALPLSSAEKRKAKWESLQNKQILVPELCAIHPIPASLWRKAVCLPSILYRLHCLL
;
A,B,C,D
2 'polyribonucleotide' UCGAAGGUCCUUCGUUU E,F,G,H
#
# COMPACT_ATOMS: atom_id res chain seq x y z
N GLN A 3 1.93 -21.66 34.34
CA GLN A 3 1.38 -21.56 33.00
C GLN A 3 1.76 -20.23 32.35
N PRO A 4 2.70 -20.27 31.39
CA PRO A 4 3.17 -19.09 30.65
C PRO A 4 2.12 -18.51 29.69
N CYS A 5 1.89 -17.21 29.79
CA CYS A 5 0.92 -16.50 28.96
C CYS A 5 1.54 -15.51 27.96
N TYR A 6 0.88 -15.34 26.82
CA TYR A 6 1.29 -14.35 25.84
C TYR A 6 0.10 -13.49 25.42
N LEU A 7 0.25 -12.17 25.52
CA LEU A 7 -0.82 -11.22 25.23
C LEU A 7 -0.59 -10.40 23.96
N TYR A 8 -1.41 -10.66 22.93
CA TYR A 8 -1.34 -9.91 21.68
C TYR A 8 -2.41 -8.84 21.55
N VAL A 9 -2.06 -7.75 20.87
CA VAL A 9 -3.05 -6.73 20.52
C VAL A 9 -3.41 -6.85 19.04
N ILE A 10 -4.66 -6.58 18.67
CA ILE A 10 -5.03 -6.60 17.25
C ILE A 10 -5.06 -5.17 16.75
N GLY A 11 -4.04 -4.83 15.97
CA GLY A 11 -3.90 -3.50 15.41
C GLY A 11 -4.88 -3.26 14.28
N MET A 12 -5.62 -2.16 14.40
CA MET A 12 -6.48 -1.73 13.32
C MET A 12 -6.18 -0.27 13.01
N VAL A 13 -5.68 -0.02 11.80
CA VAL A 13 -5.36 1.34 11.38
C VAL A 13 -5.85 1.52 9.94
N LEU A 14 -6.49 2.64 9.65
CA LEU A 14 -6.98 2.84 8.29
C LEU A 14 -5.91 3.57 7.50
N THR A 15 -5.21 2.81 6.65
CA THR A 15 -4.11 3.33 5.85
C THR A 15 -4.60 3.92 4.53
N THR A 16 -5.69 3.37 4.02
CA THR A 16 -6.26 3.85 2.76
C THR A 16 -7.75 4.14 2.93
N PRO A 17 -8.07 5.35 3.41
CA PRO A 17 -9.46 5.79 3.52
C PRO A 17 -10.03 5.91 2.12
N LEU A 18 -11.35 5.93 2.00
CA LEU A 18 -11.96 6.16 0.70
C LEU A 18 -11.42 7.50 0.19
N PRO A 19 -10.86 7.49 -1.04
CA PRO A 19 -10.04 8.55 -1.65
C PRO A 19 -10.78 9.88 -1.87
N ASP A 20 -12.07 9.88 -1.52
CA ASP A 20 -12.95 11.06 -1.61
C ASP A 20 -13.34 11.36 -3.05
N GLU A 21 -12.78 10.60 -3.98
CA GLU A 21 -13.30 10.56 -5.34
C GLU A 21 -14.25 9.37 -5.37
N LEU A 22 -13.76 8.27 -4.80
CA LEU A 22 -14.53 7.04 -4.61
C LEU A 22 -15.71 7.26 -3.66
N ASN A 23 -15.61 8.24 -2.76
CA ASN A 23 -16.76 8.51 -1.92
C ASN A 23 -17.52 9.64 -2.61
N PHE A 24 -18.57 9.24 -3.32
CA PHE A 24 -19.45 10.16 -4.01
C PHE A 24 -20.44 10.73 -3.01
N ARG A 25 -20.93 9.84 -2.17
CA ARG A 25 -21.99 10.17 -1.22
C ARG A 25 -21.44 10.87 0.01
N ARG A 26 -20.11 10.94 0.09
CA ARG A 26 -19.42 11.60 1.20
C ARG A 26 -19.89 11.12 2.56
N ARG A 27 -20.00 9.80 2.73
CA ARG A 27 -20.41 9.21 4.01
C ARG A 27 -19.31 9.40 5.05
N LYS A 28 -19.69 9.41 6.33
CA LYS A 28 -18.72 9.55 7.40
C LYS A 28 -17.74 8.38 7.39
N LEU A 29 -16.48 8.65 7.70
CA LEU A 29 -15.48 7.60 7.82
C LEU A 29 -15.22 7.31 9.29
N TYR A 30 -15.01 6.05 9.61
CA TYR A 30 -14.85 5.64 10.99
C TYR A 30 -13.50 4.95 11.19
N PRO A 31 -12.43 5.75 11.29
CA PRO A 31 -11.08 5.20 11.51
C PRO A 31 -10.98 4.47 12.84
N PRO A 32 -10.39 3.26 12.83
CA PRO A 32 -10.24 2.45 14.04
C PRO A 32 -9.25 3.06 15.03
N GLU A 33 -8.28 3.82 14.51
CA GLU A 33 -7.25 4.42 15.35
C GLU A 33 -7.79 5.56 16.21
N ASP A 34 -8.97 6.07 15.87
CA ASP A 34 -9.55 7.21 16.57
C ASP A 34 -10.14 6.83 17.92
N THR A 35 -10.14 5.54 18.22
CA THR A 35 -10.72 5.04 19.46
C THR A 35 -9.69 4.18 20.18
N THR A 36 -9.61 4.36 21.49
CA THR A 36 -8.57 3.69 22.28
C THR A 36 -8.92 2.24 22.62
N ARG A 37 -10.21 1.93 22.69
CA ARG A 37 -10.64 0.55 23.00
C ARG A 37 -10.49 -0.40 21.82
N CYS A 38 -9.74 -1.47 22.02
CA CYS A 38 -9.51 -2.47 20.97
C CYS A 38 -9.72 -3.88 21.49
N PHE A 39 -9.38 -4.88 20.67
CA PHE A 39 -9.46 -6.28 21.07
C PHE A 39 -8.12 -6.98 21.01
N GLY A 40 -7.87 -7.84 21.98
CA GLY A 40 -6.66 -8.66 21.95
C GLY A 40 -6.96 -10.14 21.91
N ILE A 41 -5.96 -10.92 21.54
CA ILE A 41 -6.04 -12.37 21.59
C ILE A 41 -5.15 -12.83 22.75
N LEU A 42 -5.63 -13.81 23.50
CA LEU A 42 -4.86 -14.38 24.60
C LEU A 42 -4.52 -15.84 24.29
N THR A 43 -3.25 -16.22 24.40
CA THR A 43 -2.84 -17.60 24.08
C THR A 43 -1.93 -18.22 25.15
N ALA A 44 -1.65 -19.51 24.96
CA ALA A 44 -0.68 -20.21 25.80
C ALA A 44 0.64 -20.33 25.05
N LYS A 45 0.62 -21.08 23.95
CA LYS A 45 1.74 -21.06 23.00
C LYS A 45 1.64 -19.79 22.17
N PRO A 46 2.79 -19.15 21.87
CA PRO A 46 2.76 -17.89 21.13
C PRO A 46 2.29 -18.03 19.69
N ILE A 47 2.22 -16.92 18.98
CA ILE A 47 1.71 -16.90 17.61
C ILE A 47 2.83 -16.78 16.59
N PRO A 48 2.88 -17.73 15.64
CA PRO A 48 3.85 -17.72 14.53
C PRO A 48 3.69 -16.47 13.69
N GLN A 49 4.75 -15.69 13.52
CA GLN A 49 4.62 -14.32 13.03
C GLN A 49 3.88 -14.24 11.72
N ILE A 50 2.83 -13.44 11.72
CA ILE A 50 1.97 -13.34 10.57
C ILE A 50 2.25 -11.98 9.93
N PRO A 51 2.41 -11.96 8.61
CA PRO A 51 2.56 -10.64 7.97
C PRO A 51 1.28 -9.82 8.13
N HIS A 52 1.40 -8.50 8.21
CA HIS A 52 0.22 -7.64 8.33
C HIS A 52 -0.65 -7.71 7.08
N PHE A 53 -1.96 -7.81 7.26
CA PHE A 53 -2.89 -7.97 6.15
C PHE A 53 -4.07 -6.99 6.20
N PRO A 54 -4.62 -6.64 5.03
CA PRO A 54 -5.79 -5.76 4.93
C PRO A 54 -7.11 -6.50 5.19
N VAL A 55 -8.07 -5.78 5.76
CA VAL A 55 -9.48 -6.18 5.73
C VAL A 55 -10.24 -5.03 5.07
N TYR A 56 -11.19 -5.36 4.21
CA TYR A 56 -11.88 -4.32 3.46
C TYR A 56 -13.25 -4.03 4.04
N THR A 57 -13.34 -2.85 4.63
CA THR A 57 -14.54 -2.41 5.28
C THR A 57 -15.18 -1.36 4.40
N ARG A 58 -16.33 -0.85 4.83
CA ARG A 58 -17.01 0.21 4.11
C ARG A 58 -16.16 1.47 4.09
N SER A 59 -15.40 1.68 5.15
CA SER A 59 -14.66 2.93 5.35
C SER A 59 -13.32 2.96 4.62
N GLY A 60 -12.84 1.80 4.19
CA GLY A 60 -11.61 1.74 3.42
C GLY A 60 -10.80 0.48 3.67
N GLU A 61 -9.52 0.53 3.30
CA GLU A 61 -8.61 -0.58 3.59
C GLU A 61 -8.11 -0.46 5.02
N VAL A 62 -8.32 -1.50 5.82
CA VAL A 62 -7.87 -1.48 7.20
C VAL A 62 -6.80 -2.55 7.39
N THR A 63 -5.61 -2.12 7.80
CA THR A 63 -4.51 -3.05 7.97
C THR A 63 -4.54 -3.69 9.35
N ILE A 64 -4.43 -5.01 9.38
CA ILE A 64 -4.47 -5.72 10.64
C ILE A 64 -3.07 -6.16 11.00
N SER A 65 -2.61 -5.78 12.18
CA SER A 65 -1.29 -6.17 12.65
C SER A 65 -1.40 -6.86 14.00
N ILE A 66 -0.98 -8.12 14.06
CA ILE A 66 -0.96 -8.85 15.32
C ILE A 66 0.39 -8.64 16.00
N GLU A 67 0.35 -7.90 17.09
CA GLU A 67 1.52 -7.44 17.80
C GLU A 67 1.55 -7.96 19.22
N LEU A 68 2.72 -8.33 19.71
CA LEU A 68 2.83 -8.82 21.09
C LEU A 68 2.99 -7.64 22.04
N LYS A 69 2.02 -7.43 22.93
CA LYS A 69 2.11 -6.34 23.88
C LYS A 69 2.82 -6.72 25.18
N LYS A 70 2.51 -7.91 25.71
CA LYS A 70 3.10 -8.38 26.97
C LYS A 70 3.39 -9.89 26.94
N SER A 71 4.49 -10.30 27.57
CA SER A 71 4.93 -11.69 27.52
C SER A 71 5.41 -12.25 28.85
N GLY A 72 5.21 -13.56 29.03
CA GLY A 72 5.75 -14.32 30.14
C GLY A 72 5.01 -14.33 31.47
N PHE A 73 4.03 -13.44 31.62
CA PHE A 73 3.28 -13.32 32.87
C PHE A 73 2.19 -14.38 33.01
N MET A 74 1.53 -14.39 34.16
CA MET A 74 0.31 -15.16 34.37
C MET A 74 -0.47 -14.48 35.47
N LEU A 75 -1.80 -14.48 35.41
CA LEU A 75 -2.56 -13.94 36.54
C LEU A 75 -3.74 -14.76 37.05
N SER A 76 -3.52 -15.39 38.20
CA SER A 76 -4.48 -16.24 38.92
C SER A 76 -5.18 -17.35 38.13
N LEU A 77 -6.46 -17.54 38.46
CA LEU A 77 -7.37 -18.50 37.83
C LEU A 77 -8.71 -17.84 37.54
N GLN A 78 -9.26 -17.18 38.56
CA GLN A 78 -10.55 -16.50 38.46
C GLN A 78 -10.54 -15.45 37.36
N MET A 79 -9.39 -14.81 37.15
CA MET A 79 -9.25 -13.84 36.06
C MET A 79 -9.18 -14.60 34.74
N LEU A 80 -8.49 -15.73 34.74
CA LEU A 80 -8.41 -16.59 33.55
C LEU A 80 -9.79 -17.12 33.18
N GLU A 81 -10.62 -17.33 34.19
CA GLU A 81 -11.97 -17.84 33.96
C GLU A 81 -12.92 -16.73 33.46
N LEU A 82 -12.81 -15.54 34.04
CA LEU A 82 -13.65 -14.39 33.66
C LEU A 82 -13.50 -13.99 32.18
N ILE A 83 -12.27 -14.01 31.68
CA ILE A 83 -11.98 -13.64 30.28
C ILE A 83 -12.73 -14.55 29.32
N THR A 84 -12.91 -15.80 29.70
CA THR A 84 -13.62 -16.76 28.87
C THR A 84 -15.08 -16.36 28.71
N ARG A 85 -15.68 -15.80 29.76
CA ARG A 85 -17.05 -15.32 29.70
C ARG A 85 -17.22 -14.14 28.75
N LEU A 86 -16.17 -13.32 28.65
CA LEU A 86 -16.14 -12.23 27.68
C LEU A 86 -15.97 -12.78 26.27
N HIS A 87 -15.08 -13.76 26.11
CA HIS A 87 -14.85 -14.39 24.82
C HIS A 87 -16.14 -15.01 24.29
N GLN A 88 -16.91 -15.64 25.18
CA GLN A 88 -18.19 -16.20 24.79
C GLN A 88 -19.12 -15.06 24.38
N TYR A 89 -19.25 -14.10 25.29
CA TYR A 89 -20.11 -12.93 25.10
C TYR A 89 -19.87 -12.27 23.73
N ILE A 90 -18.60 -12.11 23.38
CA ILE A 90 -18.22 -11.58 22.07
C ILE A 90 -18.75 -12.47 20.95
N PHE A 91 -18.43 -13.75 21.02
CA PHE A 91 -18.77 -14.70 19.96
C PHE A 91 -20.20 -15.26 20.02
N SER A 92 -20.81 -15.34 21.21
CA SER A 92 -22.18 -15.87 21.29
C SER A 92 -23.20 -14.73 21.26
N HIS A 93 -23.11 -13.80 22.21
CA HIS A 93 -24.10 -12.72 22.32
C HIS A 93 -23.95 -11.58 21.32
N ILE A 94 -22.72 -11.18 21.02
CA ILE A 94 -22.47 -10.09 20.08
C ILE A 94 -22.45 -10.61 18.65
N LEU A 95 -21.68 -11.67 18.44
CA LEU A 95 -21.64 -12.36 17.15
C LEU A 95 -22.50 -13.62 17.28
N ARG A 96 -22.43 -14.53 16.32
CA ARG A 96 -23.24 -15.74 16.41
C ARG A 96 -22.63 -16.91 15.64
N TYR A 113 -6.39 -18.34 21.43
CA TYR A 113 -7.37 -19.15 22.12
C TYR A 113 -8.50 -18.29 22.69
N CYS A 114 -8.15 -17.19 23.34
CA CYS A 114 -9.15 -16.31 23.93
C CYS A 114 -9.12 -14.88 23.39
N VAL A 115 -10.30 -14.27 23.26
CA VAL A 115 -10.42 -12.90 22.76
C VAL A 115 -10.99 -11.99 23.83
N LEU A 116 -10.30 -10.87 24.07
CA LEU A 116 -10.66 -9.96 25.16
C LEU A 116 -10.47 -8.49 24.77
N PRO A 117 -11.27 -7.58 25.36
CA PRO A 117 -11.17 -6.14 25.13
C PRO A 117 -9.99 -5.48 25.85
N LEU A 118 -9.35 -4.51 25.21
CA LEU A 118 -8.25 -3.76 25.82
C LEU A 118 -8.52 -2.26 25.72
N ASN A 119 -7.93 -1.49 26.63
CA ASN A 119 -8.03 -0.03 26.62
C ASN A 119 -6.69 0.59 27.03
N VAL A 120 -6.55 1.90 26.85
CA VAL A 120 -5.28 2.59 27.12
C VAL A 120 -5.22 3.07 28.57
N VAL A 121 -4.02 3.08 29.14
CA VAL A 121 -3.83 3.47 30.54
C VAL A 121 -3.15 4.83 30.68
N SER A 125 0.93 5.47 28.22
CA SER A 125 0.51 5.08 26.87
C SER A 125 0.77 3.59 26.63
N THR A 126 0.37 2.75 27.59
CA THR A 126 0.51 1.30 27.42
C THR A 126 -0.87 0.67 27.65
N LEU A 127 -1.08 -0.52 27.09
CA LEU A 127 -2.40 -1.16 27.09
C LEU A 127 -2.67 -2.22 28.17
N ASP A 128 -3.85 -2.14 28.80
CA ASP A 128 -4.31 -3.15 29.77
C ASP A 128 -5.76 -3.55 29.49
N ILE A 129 -6.18 -4.65 30.10
CA ILE A 129 -7.53 -5.19 29.97
C ILE A 129 -8.55 -4.12 30.32
N ASP A 130 -9.63 -4.07 29.55
CA ASP A 130 -10.63 -3.02 29.70
C ASP A 130 -11.40 -3.16 31.01
N PHE A 131 -11.33 -2.13 31.85
CA PHE A 131 -12.03 -2.13 33.14
C PHE A 131 -13.48 -1.76 32.89
N LYS A 132 -13.72 -0.78 32.01
CA LYS A 132 -15.08 -0.44 31.63
C LYS A 132 -15.44 -1.21 30.37
N PHE A 133 -15.95 -2.41 30.55
CA PHE A 133 -16.58 -3.22 29.53
C PHE A 133 -17.64 -4.02 30.21
N MET A 134 -17.12 -4.79 31.17
CA MET A 134 -17.88 -5.69 31.99
C MET A 134 -18.96 -4.95 32.74
N GLU A 135 -18.65 -3.80 33.34
CA GLU A 135 -19.77 -3.14 33.98
C GLU A 135 -20.26 -2.02 33.08
N ASP A 136 -21.13 -2.46 32.18
CA ASP A 136 -22.09 -1.72 31.39
C ASP A 136 -23.15 -2.80 31.32
N ILE A 137 -22.67 -3.96 30.90
CA ILE A 137 -23.44 -5.18 30.74
C ILE A 137 -23.99 -5.62 32.09
N GLU A 138 -23.12 -5.66 33.10
CA GLU A 138 -23.51 -6.09 34.44
C GLU A 138 -24.17 -4.93 35.16
N LYS A 139 -24.25 -3.81 34.46
CA LYS A 139 -24.96 -2.64 34.93
C LYS A 139 -26.42 -2.79 34.51
N SER A 140 -26.62 -3.45 33.39
CA SER A 140 -27.97 -3.79 32.95
C SER A 140 -28.43 -5.10 33.58
N GLU A 141 -29.47 -5.00 34.39
CA GLU A 141 -30.01 -6.13 35.12
C GLU A 141 -31.16 -6.77 34.35
N THR A 152 -42.64 2.12 32.48
CA THR A 152 -41.97 3.40 32.57
C THR A 152 -42.01 4.16 31.24
N LYS A 153 -42.49 5.40 31.25
CA LYS A 153 -43.01 6.06 32.44
C LYS A 153 -44.12 7.06 32.09
N GLU A 154 -44.80 7.57 33.12
CA GLU A 154 -45.83 8.59 32.96
C GLU A 154 -45.19 9.94 32.68
N THR A 155 -44.18 10.28 33.48
CA THR A 155 -43.33 11.43 33.18
C THR A 155 -42.46 10.94 32.02
N PRO A 156 -42.32 11.77 30.99
CA PRO A 156 -41.92 11.30 29.66
C PRO A 156 -40.44 10.97 29.47
N PHE A 157 -40.20 10.14 28.46
CA PHE A 157 -38.88 9.82 27.93
C PHE A 157 -38.12 11.11 27.65
N VAL A 158 -36.84 11.12 27.99
CA VAL A 158 -36.03 12.29 27.76
C VAL A 158 -34.97 11.94 26.73
N PHE A 159 -34.81 12.79 25.71
CA PHE A 159 -33.81 12.50 24.70
C PHE A 159 -32.49 13.21 24.99
N LYS A 160 -31.45 12.42 25.23
CA LYS A 160 -30.13 12.97 25.45
C LYS A 160 -29.22 12.72 24.25
N LEU A 161 -28.87 13.78 23.54
CA LEU A 161 -28.08 13.70 22.32
C LEU A 161 -26.75 12.94 22.54
N GLU A 162 -26.18 13.03 23.74
CA GLU A 162 -24.88 12.40 23.98
C GLU A 162 -24.98 10.90 24.22
N ASP A 163 -26.20 10.39 24.43
CA ASP A 163 -26.39 8.96 24.60
C ASP A 163 -26.23 8.21 23.29
N TYR A 164 -26.77 8.81 22.23
CA TYR A 164 -26.86 8.17 20.92
C TYR A 164 -25.70 8.49 19.99
N GLN A 165 -24.71 9.24 20.47
CA GLN A 165 -23.60 9.68 19.62
C GLN A 165 -22.80 8.52 19.03
N ASP A 166 -22.25 7.68 19.89
CA ASP A 166 -21.69 6.43 19.43
C ASP A 166 -22.52 5.33 20.07
N ALA A 167 -23.36 4.69 19.28
CA ALA A 167 -24.36 3.84 19.89
C ALA A 167 -24.82 2.71 18.98
N VAL A 168 -25.17 1.62 19.64
CA VAL A 168 -25.86 0.51 19.01
C VAL A 168 -27.21 0.43 19.68
N ILE A 169 -28.28 0.43 18.89
CA ILE A 169 -29.62 0.42 19.44
C ILE A 169 -30.38 -0.83 19.03
N ILE A 170 -31.29 -1.29 19.90
CA ILE A 170 -32.17 -2.38 19.53
C ILE A 170 -33.62 -1.97 19.76
N PRO A 171 -34.50 -2.30 18.80
CA PRO A 171 -35.92 -2.02 18.98
C PRO A 171 -36.53 -2.94 20.03
N ARG A 172 -37.29 -2.38 20.96
CA ARG A 172 -37.88 -3.20 22.02
C ARG A 172 -39.21 -3.84 21.63
N TYR A 173 -39.79 -3.38 20.53
CA TYR A 173 -41.17 -3.72 20.22
C TYR A 173 -41.35 -4.90 19.27
N ARG A 174 -40.24 -5.47 18.79
CA ARG A 174 -40.30 -6.59 17.85
C ARG A 174 -39.05 -7.46 17.84
N ASN A 175 -39.18 -8.68 17.30
CA ASN A 175 -38.11 -9.69 17.34
C ASN A 175 -37.54 -9.93 18.74
N PHE A 176 -38.39 -10.39 19.66
CA PHE A 176 -37.95 -10.62 21.03
C PHE A 176 -37.03 -11.84 21.15
N ASP A 177 -37.24 -12.84 20.28
CA ASP A 177 -36.40 -14.03 20.21
C ASP A 177 -34.91 -13.67 20.06
N GLN A 178 -34.61 -13.03 18.94
CA GLN A 178 -33.26 -12.63 18.56
C GLN A 178 -33.29 -11.17 18.09
N PRO A 179 -33.20 -10.23 19.04
CA PRO A 179 -33.36 -8.79 18.77
C PRO A 179 -32.37 -8.24 17.73
N HIS A 180 -32.87 -7.42 16.80
CA HIS A 180 -32.02 -6.81 15.78
C HIS A 180 -31.27 -5.61 16.32
N ARG A 181 -30.01 -5.45 15.91
CA ARG A 181 -29.19 -4.33 16.39
C ARG A 181 -28.68 -3.47 15.24
N PHE A 182 -28.64 -2.16 15.47
CA PHE A 182 -28.23 -1.19 14.46
C PHE A 182 -27.22 -0.18 15.00
N TYR A 183 -26.29 0.27 14.16
CA TYR A 183 -25.50 1.46 14.45
C TYR A 183 -26.41 2.69 14.34
N VAL A 184 -26.11 3.74 15.08
CA VAL A 184 -26.85 4.98 14.87
C VAL A 184 -26.07 5.75 13.80
N ALA A 185 -26.65 5.86 12.61
CA ALA A 185 -25.94 6.46 11.48
C ALA A 185 -26.03 7.97 11.49
N ASP A 186 -27.21 8.47 11.84
CA ASP A 186 -27.48 9.89 11.87
C ASP A 186 -28.54 10.22 12.89
N VAL A 187 -28.51 11.44 13.38
CA VAL A 187 -29.59 11.94 14.20
C VAL A 187 -30.30 13.02 13.39
N TYR A 188 -31.54 12.74 12.98
CA TYR A 188 -32.26 13.68 12.13
C TYR A 188 -33.04 14.63 13.00
N THR A 189 -32.55 15.87 13.07
CA THR A 189 -33.02 16.83 14.04
C THR A 189 -34.29 17.56 13.60
N ASP A 190 -34.48 17.67 12.29
CA ASP A 190 -35.67 18.33 11.76
C ASP A 190 -36.84 17.36 11.79
N LEU A 191 -36.53 16.09 12.03
CA LEU A 191 -37.54 15.04 12.11
C LEU A 191 -37.99 14.78 13.54
N THR A 192 -39.24 14.38 13.68
CA THR A 192 -39.94 14.25 14.96
C THR A 192 -40.99 13.15 14.72
N PRO A 193 -41.46 12.45 15.78
CA PRO A 193 -42.42 11.35 15.54
C PRO A 193 -43.70 11.77 14.82
N LEU A 194 -43.99 13.07 14.75
CA LEU A 194 -45.15 13.55 14.00
C LEU A 194 -44.78 13.89 12.55
N SER A 195 -43.53 13.65 12.15
CA SER A 195 -43.14 13.87 10.77
C SER A 195 -43.83 12.84 9.88
N LYS A 196 -43.89 13.11 8.58
CA LYS A 196 -44.61 12.23 7.66
C LYS A 196 -43.91 10.90 7.48
N PHE A 197 -44.66 9.83 7.72
CA PHE A 197 -44.16 8.48 7.51
C PHE A 197 -43.87 8.28 6.02
N PRO A 198 -42.75 7.62 5.69
CA PRO A 198 -42.34 7.43 4.29
C PRO A 198 -43.30 6.54 3.47
N SER A 199 -43.97 5.60 4.12
CA SER A 199 -44.89 4.70 3.42
C SER A 199 -46.31 5.25 3.42
N PRO A 200 -47.09 4.99 2.34
CA PRO A 200 -48.38 5.64 2.14
C PRO A 200 -49.45 5.23 3.14
N GLU A 201 -49.35 4.03 3.68
CA GLU A 201 -50.40 3.48 4.52
C GLU A 201 -50.50 4.17 5.88
N TYR A 202 -49.51 4.98 6.22
CA TYR A 202 -49.47 5.64 7.53
C TYR A 202 -49.09 7.11 7.36
N GLU A 203 -49.74 7.98 8.14
CA GLU A 203 -49.49 9.42 8.07
C GLU A 203 -48.21 9.81 8.80
N THR A 204 -48.08 9.33 10.04
CA THR A 204 -46.96 9.68 10.90
C THR A 204 -46.35 8.47 11.60
N PHE A 205 -45.09 8.61 12.02
CA PHE A 205 -44.43 7.54 12.77
C PHE A 205 -45.22 7.20 14.03
N ALA A 206 -45.75 8.23 14.68
CA ALA A 206 -46.58 8.05 15.87
C ALA A 206 -47.75 7.13 15.53
N GLU A 207 -48.36 7.38 14.37
CA GLU A 207 -49.51 6.60 13.92
C GLU A 207 -49.12 5.19 13.53
N TYR A 208 -47.99 5.05 12.84
CA TYR A 208 -47.52 3.74 12.40
C TYR A 208 -47.32 2.81 13.59
N TYR A 209 -46.64 3.33 14.61
CA TYR A 209 -46.29 2.54 15.75
C TYR A 209 -47.49 2.29 16.66
N LYS A 210 -48.45 3.21 16.62
CA LYS A 210 -49.70 3.05 17.36
C LYS A 210 -50.56 1.98 16.69
N THR A 211 -50.67 2.07 15.38
CA THR A 211 -51.51 1.15 14.62
C THR A 211 -50.98 -0.26 14.62
N LYS A 212 -49.71 -0.41 14.26
CA LYS A 212 -49.14 -1.76 14.10
C LYS A 212 -48.78 -2.41 15.43
N TYR A 213 -48.04 -1.71 16.28
CA TYR A 213 -47.54 -2.31 17.51
C TYR A 213 -48.33 -1.96 18.78
N ASN A 214 -49.37 -1.13 18.64
CA ASN A 214 -50.07 -0.54 19.78
C ASN A 214 -49.14 0.19 20.74
N LEU A 215 -48.30 1.09 20.19
CA LEU A 215 -47.38 1.85 21.01
C LEU A 215 -47.73 3.34 21.04
N ASP A 216 -47.73 3.93 22.23
CA ASP A 216 -47.98 5.36 22.37
C ASP A 216 -46.72 6.07 22.87
N LEU A 217 -46.36 7.18 22.22
CA LEU A 217 -45.15 7.90 22.61
C LEU A 217 -45.43 9.03 23.60
N THR A 218 -44.62 9.07 24.65
CA THR A 218 -44.72 10.06 25.70
C THR A 218 -43.94 11.31 25.33
N ASN A 219 -43.12 11.20 24.29
CA ASN A 219 -42.31 12.33 23.85
C ASN A 219 -42.56 12.55 22.36
N LEU A 220 -43.22 13.64 22.02
CA LEU A 220 -43.49 13.90 20.61
C LEU A 220 -42.53 14.91 19.99
N ASN A 221 -41.58 15.42 20.76
CA ASN A 221 -40.59 16.35 20.22
C ASN A 221 -39.23 15.73 19.90
N GLN A 222 -39.06 14.44 20.18
CA GLN A 222 -37.77 13.79 20.02
C GLN A 222 -37.36 13.64 18.56
N PRO A 223 -36.07 13.80 18.26
CA PRO A 223 -35.63 13.54 16.88
C PRO A 223 -35.67 12.06 16.52
N LEU A 224 -35.30 11.75 15.29
CA LEU A 224 -35.34 10.38 14.82
C LEU A 224 -33.97 9.89 14.40
N LEU A 225 -33.79 8.58 14.36
CA LEU A 225 -32.48 8.01 14.12
C LEU A 225 -32.38 7.28 12.80
N ASP A 226 -31.34 7.60 12.04
CA ASP A 226 -30.92 6.82 10.87
C ASP A 226 -30.03 5.69 11.35
N VAL A 227 -30.09 4.55 10.67
CA VAL A 227 -29.35 3.37 11.13
C VAL A 227 -28.49 2.75 10.03
N ASP A 228 -27.57 1.89 10.46
CA ASP A 228 -26.76 1.07 9.56
C ASP A 228 -26.57 -0.31 10.19
N HIS A 229 -26.34 -1.33 9.36
CA HIS A 229 -26.09 -2.68 9.87
C HIS A 229 -25.16 -3.48 8.95
N THR A 230 -24.25 -4.27 9.53
CA THR A 230 -23.33 -5.11 8.75
C THR A 230 -23.20 -6.57 9.22
N SER A 231 -22.69 -6.73 10.44
CA SER A 231 -22.51 -8.02 11.11
C SER A 231 -21.48 -8.92 10.42
N SER A 232 -21.75 -10.21 10.31
CA SER A 232 -20.72 -11.16 9.85
C SER A 232 -20.71 -11.60 8.38
N ARG A 233 -19.66 -11.15 7.69
CA ARG A 233 -19.37 -11.53 6.32
C ARG A 233 -17.84 -11.57 6.18
N LEU A 234 -17.34 -11.97 5.01
CA LEU A 234 -15.89 -12.07 4.82
C LEU A 234 -15.30 -10.76 4.31
N ASN A 235 -14.38 -10.20 5.09
CA ASN A 235 -13.75 -8.91 4.77
C ASN A 235 -12.41 -8.97 4.05
N LEU A 236 -11.93 -10.17 3.74
CA LEU A 236 -10.62 -10.32 3.13
C LEU A 236 -10.63 -9.91 1.64
N LEU A 237 -11.77 -10.07 0.99
CA LEU A 237 -11.95 -9.65 -0.40
C LEU A 237 -12.89 -8.45 -0.40
N THR A 238 -13.15 -7.85 -1.55
CA THR A 238 -13.97 -6.63 -1.51
C THR A 238 -15.38 -6.65 -2.09
N PRO A 239 -16.35 -7.24 -1.37
CA PRO A 239 -17.74 -6.89 -1.68
C PRO A 239 -18.11 -5.73 -0.75
N ARG A 240 -17.43 -4.61 -0.87
CA ARG A 240 -17.58 -3.51 0.08
C ARG A 240 -17.47 -2.15 -0.56
N PRO A 250 -22.87 -13.13 -9.54
CA PRO A 250 -24.02 -14.00 -9.78
C PRO A 250 -24.72 -14.37 -8.48
N LEU A 251 -25.67 -13.55 -8.05
CA LEU A 251 -26.37 -13.75 -6.79
C LEU A 251 -27.56 -14.69 -6.98
N SER A 252 -27.83 -15.51 -5.97
CA SER A 252 -28.93 -16.46 -6.03
C SER A 252 -30.26 -15.81 -5.68
N SER A 253 -31.27 -16.63 -5.38
CA SER A 253 -32.59 -16.13 -5.01
C SER A 253 -32.61 -15.69 -3.55
N ALA A 254 -32.17 -16.58 -2.66
CA ALA A 254 -32.14 -16.29 -1.24
C ALA A 254 -31.25 -15.08 -0.94
N GLU A 255 -30.23 -14.87 -1.77
CA GLU A 255 -29.34 -13.72 -1.59
C GLU A 255 -29.86 -12.42 -2.22
N LYS A 256 -30.54 -12.51 -3.36
CA LYS A 256 -31.11 -11.33 -3.99
C LYS A 256 -32.21 -10.72 -3.12
N ARG A 257 -32.84 -11.56 -2.30
CA ARG A 257 -33.88 -11.11 -1.40
C ARG A 257 -33.29 -10.44 -0.17
N LYS A 258 -32.14 -10.91 0.29
CA LYS A 258 -31.52 -10.28 1.45
C LYS A 258 -30.91 -8.95 1.02
N ALA A 259 -30.50 -8.84 -0.25
CA ALA A 259 -30.04 -7.57 -0.79
C ALA A 259 -31.11 -6.49 -0.63
N LYS A 260 -32.36 -6.83 -0.97
CA LYS A 260 -33.45 -5.88 -0.79
C LYS A 260 -33.74 -5.64 0.68
N TRP A 261 -33.67 -6.69 1.49
CA TRP A 261 -33.97 -6.56 2.93
C TRP A 261 -32.96 -5.68 3.63
N GLU A 262 -31.68 -5.95 3.36
CA GLU A 262 -30.59 -5.18 3.95
C GLU A 262 -30.71 -3.73 3.50
N SER A 263 -31.08 -3.55 2.23
CA SER A 263 -31.23 -2.21 1.67
C SER A 263 -32.30 -1.39 2.42
N LEU A 264 -33.47 -1.99 2.61
CA LEU A 264 -34.56 -1.34 3.33
C LEU A 264 -34.19 -1.13 4.78
N GLN A 265 -33.43 -2.08 5.32
CA GLN A 265 -33.05 -2.03 6.72
C GLN A 265 -32.24 -0.76 7.00
N ASN A 266 -31.35 -0.42 6.06
CA ASN A 266 -30.49 0.74 6.21
C ASN A 266 -31.21 2.06 5.94
N LYS A 267 -32.39 1.97 5.35
CA LYS A 267 -33.17 3.17 5.07
C LYS A 267 -34.19 3.45 6.18
N GLN A 268 -34.25 2.54 7.15
CA GLN A 268 -35.12 2.69 8.32
C GLN A 268 -34.80 3.95 9.11
N ILE A 269 -35.85 4.55 9.65
CA ILE A 269 -35.75 5.66 10.58
C ILE A 269 -36.41 5.26 11.90
N LEU A 270 -35.69 5.31 13.01
CA LEU A 270 -36.20 4.73 14.25
C LEU A 270 -36.49 5.78 15.34
N VAL A 271 -37.33 5.41 16.31
CA VAL A 271 -37.71 6.29 17.40
C VAL A 271 -36.95 5.96 18.69
N PRO A 272 -36.14 6.90 19.18
CA PRO A 272 -35.29 6.75 20.38
C PRO A 272 -36.03 6.24 21.61
N GLU A 273 -37.24 6.73 21.87
CA GLU A 273 -38.03 6.27 23.01
C GLU A 273 -38.33 4.78 22.92
N LEU A 274 -38.50 4.29 21.70
CA LEU A 274 -38.87 2.89 21.48
C LEU A 274 -37.66 1.99 21.32
N CYS A 275 -36.47 2.56 21.50
CA CYS A 275 -35.24 1.81 21.36
C CYS A 275 -34.42 1.74 22.65
N ALA A 276 -33.80 0.59 22.86
CA ALA A 276 -32.88 0.41 23.98
C ALA A 276 -31.43 0.56 23.51
N ILE A 277 -30.59 1.18 24.35
CA ILE A 277 -29.17 1.35 24.02
C ILE A 277 -28.34 0.16 24.51
N HIS A 278 -27.61 -0.48 23.60
CA HIS A 278 -26.72 -1.59 23.94
C HIS A 278 -25.48 -1.04 24.66
N PRO A 279 -25.03 -1.73 25.73
CA PRO A 279 -23.89 -1.31 26.54
C PRO A 279 -22.59 -1.11 25.75
N ILE A 280 -22.30 -2.00 24.81
CA ILE A 280 -21.10 -1.87 23.99
C ILE A 280 -21.33 -0.83 22.91
N PRO A 281 -20.47 0.20 22.88
CA PRO A 281 -20.58 1.30 21.91
C PRO A 281 -20.37 0.82 20.49
N ALA A 282 -20.86 1.60 19.52
CA ALA A 282 -20.75 1.22 18.11
C ALA A 282 -19.29 1.14 17.66
N SER A 283 -18.45 2.02 18.21
CA SER A 283 -17.05 2.11 17.83
C SER A 283 -16.28 0.81 18.10
N LEU A 284 -16.59 0.17 19.21
CA LEU A 284 -15.96 -1.10 19.57
C LEU A 284 -16.61 -2.22 18.76
N TRP A 285 -17.90 -2.05 18.48
CA TRP A 285 -18.67 -3.02 17.71
C TRP A 285 -18.12 -3.15 16.29
N ARG A 286 -17.71 -2.04 15.69
CA ARG A 286 -17.16 -2.04 14.33
C ARG A 286 -15.87 -2.83 14.24
N LYS A 287 -15.11 -2.83 15.33
CA LYS A 287 -13.89 -3.62 15.41
C LYS A 287 -14.21 -5.09 15.61
N ALA A 288 -15.28 -5.35 16.36
CA ALA A 288 -15.67 -6.71 16.73
C ALA A 288 -16.10 -7.57 15.53
N VAL A 289 -16.69 -6.94 14.51
CA VAL A 289 -17.21 -7.67 13.36
C VAL A 289 -16.12 -8.07 12.38
N CYS A 290 -14.90 -7.57 12.60
CA CYS A 290 -13.76 -7.99 11.78
C CYS A 290 -13.10 -9.21 12.38
N LEU A 291 -13.49 -9.56 13.60
CA LEU A 291 -12.83 -10.64 14.33
C LEU A 291 -12.96 -12.00 13.64
N PRO A 292 -14.16 -12.35 13.14
CA PRO A 292 -14.21 -13.64 12.44
C PRO A 292 -13.28 -13.70 11.23
N SER A 293 -13.20 -12.62 10.46
CA SER A 293 -12.33 -12.59 9.29
C SER A 293 -10.85 -12.66 9.69
N ILE A 294 -10.48 -11.94 10.74
CA ILE A 294 -9.10 -11.90 11.23
C ILE A 294 -8.68 -13.24 11.81
N LEU A 295 -9.52 -13.81 12.66
CA LEU A 295 -9.23 -15.12 13.25
C LEU A 295 -9.20 -16.21 12.19
N TYR A 296 -9.94 -16.01 11.10
CA TYR A 296 -9.88 -16.95 9.99
C TYR A 296 -8.49 -16.98 9.39
N ARG A 297 -7.90 -15.79 9.23
CA ARG A 297 -6.58 -15.65 8.63
C ARG A 297 -5.49 -16.31 9.47
N LEU A 298 -5.63 -16.23 10.79
CA LEU A 298 -4.63 -16.78 11.69
C LEU A 298 -4.65 -18.31 11.65
N HIS A 299 -5.82 -18.89 11.42
CA HIS A 299 -5.94 -20.34 11.30
C HIS A 299 -5.48 -20.84 9.93
N CYS A 300 -5.77 -20.06 8.89
CA CYS A 300 -5.41 -20.44 7.52
C CYS A 300 -4.40 -19.47 6.90
N GLN B 3 87.17 21.93 -13.08
CA GLN B 3 86.17 22.59 -12.25
C GLN B 3 86.68 23.91 -11.67
N PRO B 4 86.24 25.03 -12.26
CA PRO B 4 86.56 26.40 -11.80
C PRO B 4 85.74 26.81 -10.58
N CYS B 5 86.20 26.47 -9.37
CA CYS B 5 85.43 26.84 -8.19
C CYS B 5 85.86 28.21 -7.68
N TYR B 6 84.89 28.95 -7.17
CA TYR B 6 85.14 30.24 -6.55
C TYR B 6 84.47 30.21 -5.19
N LEU B 7 85.25 30.47 -4.15
CA LEU B 7 84.78 30.36 -2.78
C LEU B 7 84.63 31.71 -2.12
N TYR B 8 83.37 32.07 -1.86
CA TYR B 8 83.04 33.32 -1.21
C TYR B 8 82.75 33.12 0.26
N VAL B 9 83.09 34.10 1.06
CA VAL B 9 82.73 34.11 2.47
C VAL B 9 81.54 35.07 2.62
N ILE B 10 80.64 34.78 3.55
CA ILE B 10 79.52 35.68 3.79
C ILE B 10 79.80 36.51 5.02
N GLY B 11 80.14 37.78 4.82
CA GLY B 11 80.46 38.65 5.92
C GLY B 11 79.24 39.03 6.73
N MET B 12 79.30 38.81 8.02
CA MET B 12 78.25 39.27 8.91
C MET B 12 78.86 40.08 10.04
N VAL B 13 78.53 41.37 10.07
CA VAL B 13 79.00 42.29 11.10
C VAL B 13 77.86 43.18 11.55
N LEU B 14 77.72 43.34 12.85
CA LEU B 14 76.66 44.19 13.38
C LEU B 14 77.18 45.61 13.59
N THR B 15 76.82 46.50 12.68
CA THR B 15 77.29 47.89 12.69
C THR B 15 76.42 48.84 13.51
N THR B 16 75.12 48.56 13.56
CA THR B 16 74.21 49.40 14.32
C THR B 16 73.39 48.57 15.30
N PRO B 17 74.00 48.24 16.46
CA PRO B 17 73.36 47.52 17.56
C PRO B 17 72.31 48.39 18.22
N LEU B 18 71.37 47.83 18.97
CA LEU B 18 70.44 48.68 19.72
C LEU B 18 71.23 49.53 20.71
N PRO B 19 71.14 50.86 20.55
CA PRO B 19 72.01 51.77 21.33
C PRO B 19 71.49 52.02 22.74
N ASP B 20 71.08 50.97 23.45
CA ASP B 20 70.63 51.08 24.85
C ASP B 20 69.39 51.99 24.97
N GLU B 21 68.74 52.26 23.84
CA GLU B 21 67.47 52.99 23.82
C GLU B 21 66.26 52.16 23.37
N LEU B 22 66.36 51.61 22.17
CA LEU B 22 65.34 50.74 21.60
C LEU B 22 65.13 49.49 22.44
N ASN B 23 66.11 49.16 23.27
CA ASN B 23 66.00 48.01 24.14
C ASN B 23 65.58 48.41 25.56
N PHE B 24 64.31 48.15 25.89
CA PHE B 24 63.80 48.43 27.22
C PHE B 24 64.22 47.33 28.18
N ARG B 25 64.13 46.08 27.70
CA ARG B 25 64.39 44.92 28.53
C ARG B 25 65.88 44.64 28.67
N ARG B 26 66.69 45.41 27.96
CA ARG B 26 68.15 45.33 27.96
C ARG B 26 68.63 43.88 27.81
N ARG B 27 68.03 43.20 26.84
CA ARG B 27 68.35 41.82 26.49
C ARG B 27 69.74 41.69 25.87
N LYS B 28 70.31 40.50 25.97
CA LYS B 28 71.64 40.19 25.44
C LYS B 28 71.70 40.36 23.92
N LEU B 29 72.81 40.87 23.42
CA LEU B 29 73.00 41.01 21.97
C LEU B 29 73.95 39.94 21.42
N TYR B 30 73.67 39.45 20.21
CA TYR B 30 74.48 38.38 19.65
C TYR B 30 75.13 38.74 18.30
N PRO B 31 76.20 39.55 18.32
CA PRO B 31 76.94 39.90 17.10
C PRO B 31 77.63 38.69 16.47
N PRO B 32 77.52 38.56 15.14
CA PRO B 32 78.15 37.47 14.40
C PRO B 32 79.68 37.53 14.41
N GLU B 33 80.25 38.73 14.55
CA GLU B 33 81.70 38.90 14.48
C GLU B 33 82.42 38.26 15.66
N ASP B 34 81.68 37.95 16.72
CA ASP B 34 82.28 37.39 17.92
C ASP B 34 82.59 35.90 17.78
N THR B 35 82.12 35.29 16.71
CA THR B 35 82.33 33.86 16.48
C THR B 35 82.85 33.62 15.05
N THR B 36 83.88 32.78 14.93
CA THR B 36 84.53 32.56 13.64
C THR B 36 83.83 31.53 12.75
N ARG B 37 83.00 30.64 13.29
CA ARG B 37 82.31 29.70 12.40
C ARG B 37 81.28 30.48 11.58
N CYS B 38 81.41 30.43 10.27
CA CYS B 38 80.49 31.17 9.40
C CYS B 38 80.08 30.32 8.19
N PHE B 39 79.42 30.97 7.23
CA PHE B 39 78.98 30.30 6.00
C PHE B 39 79.59 30.94 4.77
N GLY B 40 79.75 30.15 3.71
CA GLY B 40 80.20 30.72 2.46
C GLY B 40 79.44 30.15 1.29
N ILE B 41 79.53 30.84 0.16
CA ILE B 41 78.93 30.34 -1.07
C ILE B 41 80.01 29.83 -2.00
N LEU B 42 79.73 28.70 -2.65
CA LEU B 42 80.63 28.17 -3.64
C LEU B 42 79.94 28.18 -5.00
N THR B 43 80.62 28.71 -6.01
CA THR B 43 80.05 28.88 -7.34
C THR B 43 80.99 28.35 -8.40
N ALA B 44 80.49 28.24 -9.62
CA ALA B 44 81.30 27.86 -10.77
C ALA B 44 81.64 29.13 -11.52
N LYS B 45 80.60 29.77 -12.06
CA LYS B 45 80.71 31.11 -12.61
C LYS B 45 80.84 32.11 -11.45
N PRO B 46 81.62 33.18 -11.64
CA PRO B 46 81.75 34.11 -10.52
C PRO B 46 80.42 34.82 -10.22
N ILE B 47 80.40 35.63 -9.18
CA ILE B 47 79.19 36.36 -8.79
C ILE B 47 79.37 37.83 -9.15
N PRO B 48 78.45 38.40 -9.94
CA PRO B 48 78.55 39.83 -10.25
C PRO B 48 78.45 40.71 -9.00
N GLN B 49 79.25 41.77 -8.94
CA GLN B 49 79.51 42.50 -7.70
C GLN B 49 78.27 43.05 -6.99
N ILE B 50 78.12 42.68 -5.72
CA ILE B 50 76.99 43.16 -4.92
C ILE B 50 77.51 44.12 -3.82
N PRO B 51 76.91 45.32 -3.73
CA PRO B 51 77.16 46.29 -2.65
C PRO B 51 76.70 45.73 -1.30
N HIS B 52 77.30 46.18 -0.22
CA HIS B 52 76.89 45.71 1.09
C HIS B 52 75.44 46.10 1.34
N PHE B 53 74.68 45.17 1.88
CA PHE B 53 73.27 45.39 2.14
C PHE B 53 72.96 45.01 3.58
N PRO B 54 72.02 45.73 4.21
CA PRO B 54 71.62 45.39 5.58
C PRO B 54 70.62 44.24 5.63
N VAL B 55 70.68 43.45 6.70
CA VAL B 55 69.55 42.62 7.10
C VAL B 55 69.27 42.99 8.55
N TYR B 56 67.99 43.11 8.90
CA TYR B 56 67.62 43.65 10.21
C TYR B 56 67.16 42.51 11.12
N THR B 57 68.00 42.22 12.10
CA THR B 57 67.81 41.10 13.00
C THR B 57 67.37 41.48 14.42
N ARG B 58 67.28 40.46 15.26
CA ARG B 58 66.90 40.61 16.66
C ARG B 58 67.90 41.49 17.43
N SER B 59 69.19 41.37 17.11
CA SER B 59 70.24 42.07 17.85
C SER B 59 70.53 43.48 17.31
N GLY B 60 70.07 43.76 16.10
CA GLY B 60 70.27 45.07 15.49
C GLY B 60 70.43 44.98 13.98
N GLU B 61 70.94 46.04 13.36
CA GLU B 61 71.23 46.01 11.94
C GLU B 61 72.60 45.38 11.64
N VAL B 62 72.57 44.34 10.79
CA VAL B 62 73.74 43.59 10.39
C VAL B 62 74.04 43.78 8.92
N THR B 63 75.24 44.28 8.60
CA THR B 63 75.62 44.51 7.21
C THR B 63 76.20 43.24 6.60
N ILE B 64 75.73 42.89 5.40
CA ILE B 64 76.16 41.67 4.73
C ILE B 64 77.15 41.95 3.59
N SER B 65 78.28 41.25 3.63
CA SER B 65 79.30 41.37 2.61
C SER B 65 79.65 40.02 2.01
N ILE B 66 79.47 39.89 0.69
CA ILE B 66 79.89 38.69 -0.02
C ILE B 66 81.34 38.91 -0.47
N GLU B 67 82.27 38.19 0.13
CA GLU B 67 83.70 38.40 -0.11
C GLU B 67 84.31 37.19 -0.76
N LEU B 68 85.21 37.40 -1.72
CA LEU B 68 85.86 36.26 -2.33
C LEU B 68 87.11 35.96 -1.51
N LYS B 69 87.11 34.82 -0.83
CA LYS B 69 88.23 34.44 0.02
C LYS B 69 89.30 33.62 -0.72
N LYS B 70 88.87 32.67 -1.54
CA LYS B 70 89.79 31.80 -2.27
C LYS B 70 89.27 31.55 -3.68
N SER B 71 90.15 31.58 -4.66
CA SER B 71 89.76 31.50 -6.07
C SER B 71 90.71 30.67 -6.93
N GLY B 72 90.18 30.11 -8.02
CA GLY B 72 90.99 29.47 -9.04
C GLY B 72 91.34 28.01 -8.80
N PHE B 73 91.02 27.53 -7.61
CA PHE B 73 91.38 26.18 -7.18
C PHE B 73 90.49 25.13 -7.87
N MET B 74 90.78 23.86 -7.59
CA MET B 74 90.00 22.75 -8.13
C MET B 74 89.51 21.81 -7.02
N LEU B 75 88.35 21.24 -7.27
CA LEU B 75 87.73 20.31 -6.33
C LEU B 75 87.27 19.02 -7.01
N SER B 76 87.59 17.90 -6.36
CA SER B 76 87.25 16.56 -6.81
C SER B 76 85.75 16.27 -6.76
N LEU B 77 85.36 15.03 -7.03
CA LEU B 77 83.95 14.66 -6.92
C LEU B 77 83.55 14.42 -5.47
N GLN B 78 84.43 13.78 -4.72
CA GLN B 78 84.16 13.46 -3.33
C GLN B 78 83.94 14.69 -2.46
N MET B 79 84.72 15.72 -2.72
CA MET B 79 84.60 16.94 -1.96
C MET B 79 83.41 17.72 -2.45
N LEU B 80 83.24 17.74 -3.76
CA LEU B 80 82.11 18.43 -4.38
C LEU B 80 80.79 17.74 -4.01
N GLU B 81 80.82 16.44 -3.71
CA GLU B 81 79.61 15.75 -3.24
C GLU B 81 79.20 16.10 -1.83
N LEU B 82 80.17 16.02 -0.94
CA LEU B 82 79.96 16.24 0.48
C LEU B 82 79.47 17.65 0.73
N ILE B 83 80.05 18.60 0.01
CA ILE B 83 79.63 19.99 0.11
C ILE B 83 78.14 20.13 -0.23
N THR B 84 77.67 19.37 -1.20
CA THR B 84 76.25 19.44 -1.56
C THR B 84 75.34 18.85 -0.46
N ARG B 85 75.78 17.77 0.20
CA ARG B 85 75.01 17.20 1.31
C ARG B 85 74.96 18.16 2.49
N LEU B 86 76.01 18.98 2.64
CA LEU B 86 76.07 20.01 3.66
C LEU B 86 75.06 21.10 3.33
N HIS B 87 75.04 21.51 2.07
CA HIS B 87 74.09 22.49 1.59
C HIS B 87 72.66 21.97 1.77
N GLN B 88 72.49 20.67 1.56
CA GLN B 88 71.21 20.00 1.74
C GLN B 88 70.76 20.10 3.19
N TYR B 89 71.63 19.64 4.09
CA TYR B 89 71.39 19.66 5.53
C TYR B 89 70.95 21.03 6.01
N ILE B 90 71.62 22.07 5.51
CA ILE B 90 71.29 23.45 5.88
C ILE B 90 69.85 23.81 5.57
N PHE B 91 69.45 23.61 4.31
CA PHE B 91 68.14 24.02 3.86
C PHE B 91 67.03 23.00 4.15
N SER B 92 67.40 21.72 4.29
CA SER B 92 66.41 20.66 4.54
C SER B 92 66.21 20.36 6.02
N HIS B 93 67.26 19.96 6.73
CA HIS B 93 67.17 19.58 8.14
C HIS B 93 67.07 20.74 9.12
N ILE B 94 67.83 21.78 8.87
CA ILE B 94 67.89 22.91 9.78
C ILE B 94 66.74 23.88 9.52
N LEU B 95 66.55 24.23 8.25
CA LEU B 95 65.44 25.09 7.85
C LEU B 95 64.33 24.31 7.15
N ARG B 96 63.36 25.05 6.61
CA ARG B 96 62.24 24.48 5.87
C ARG B 96 62.45 24.64 4.36
N LEU B 97 62.19 23.59 3.58
CA LEU B 97 62.35 23.65 2.14
C LEU B 97 61.74 22.44 1.44
N TYR B 113 73.71 28.22 -5.57
CA TYR B 113 74.43 27.04 -6.04
C TYR B 113 74.84 26.16 -4.86
N CYS B 114 75.98 26.44 -4.24
CA CYS B 114 76.29 25.72 -3.01
C CYS B 114 76.63 26.65 -1.83
N VAL B 115 76.08 26.32 -0.66
CA VAL B 115 76.34 27.05 0.57
C VAL B 115 76.96 26.10 1.58
N LEU B 116 78.07 26.49 2.16
CA LEU B 116 78.80 25.60 3.05
C LEU B 116 79.31 26.31 4.29
N PRO B 117 79.44 25.57 5.40
CA PRO B 117 80.00 26.14 6.63
C PRO B 117 81.51 26.30 6.53
N LEU B 118 82.00 27.41 7.05
CA LEU B 118 83.42 27.69 7.09
C LEU B 118 83.82 28.04 8.52
N ASN B 119 85.09 27.82 8.83
CA ASN B 119 85.64 28.25 10.11
C ASN B 119 87.03 28.77 9.82
N VAL B 120 87.56 29.55 10.75
CA VAL B 120 88.85 30.16 10.54
C VAL B 120 89.88 29.53 11.47
N SER B 125 94.46 34.43 10.32
CA SER B 125 93.05 34.14 10.14
C SER B 125 92.70 33.90 8.67
N THR B 126 92.62 32.63 8.28
CA THR B 126 92.29 32.25 6.90
C THR B 126 91.09 31.29 6.83
N LEU B 127 90.45 31.22 5.67
CA LEU B 127 89.20 30.47 5.54
C LEU B 127 89.36 29.02 5.05
N ASP B 128 88.76 28.11 5.81
CA ASP B 128 88.70 26.68 5.52
C ASP B 128 87.30 26.08 5.76
N ILE B 129 87.04 24.90 5.17
CA ILE B 129 85.80 24.16 5.43
C ILE B 129 85.70 23.76 6.91
N ASP B 130 84.51 23.90 7.49
CA ASP B 130 84.32 23.57 8.90
C ASP B 130 84.30 22.06 9.11
N PHE B 131 85.28 21.58 9.87
CA PHE B 131 85.45 20.16 10.15
C PHE B 131 84.58 19.69 11.30
N LYS B 132 84.44 20.56 12.30
CA LYS B 132 83.71 20.25 13.51
C LYS B 132 82.21 20.21 13.25
N PHE B 133 81.75 21.03 12.32
CA PHE B 133 80.37 20.98 11.89
C PHE B 133 80.02 19.55 11.50
N MET B 134 80.81 18.99 10.58
CA MET B 134 80.66 17.59 10.17
C MET B 134 80.93 16.58 11.29
N GLU B 135 81.96 16.81 12.11
CA GLU B 135 82.25 15.86 13.19
C GLU B 135 81.25 15.97 14.33
N ASP B 136 80.44 17.01 14.32
CA ASP B 136 79.35 17.16 15.29
C ASP B 136 78.09 16.45 14.87
N ILE B 137 77.72 16.62 13.60
CA ILE B 137 76.48 16.04 13.14
C ILE B 137 76.50 14.53 13.25
N GLU B 138 77.54 13.87 12.76
CA GLU B 138 77.50 12.43 12.88
C GLU B 138 78.34 11.99 14.08
N LYS B 139 77.68 11.87 15.23
CA LYS B 139 78.21 11.20 16.41
C LYS B 139 76.95 10.57 16.95
N SER B 140 76.03 11.49 17.18
CA SER B 140 74.66 11.18 17.54
C SER B 140 74.00 10.72 16.26
N GLU B 141 73.52 9.48 16.29
CA GLU B 141 72.91 8.84 15.14
C GLU B 141 71.87 9.72 14.46
N TYR B 151 70.77 10.55 32.22
CA TYR B 151 69.45 11.15 32.30
C TYR B 151 68.36 10.12 32.62
N THR B 152 68.52 8.91 32.10
CA THR B 152 67.50 7.87 32.12
C THR B 152 67.30 6.93 33.36
N LYS B 153 68.03 7.11 34.46
CA LYS B 153 68.05 6.06 35.48
C LYS B 153 68.29 6.50 36.94
N GLU B 154 68.28 5.52 37.86
CA GLU B 154 68.58 5.74 39.27
C GLU B 154 69.90 6.52 39.39
N THR B 155 70.84 6.21 38.49
CA THR B 155 72.00 7.07 38.29
C THR B 155 71.51 8.16 37.36
N PRO B 156 71.21 9.35 37.93
CA PRO B 156 70.36 10.37 37.30
C PRO B 156 70.97 11.26 36.23
N PHE B 157 70.16 12.22 35.81
CA PHE B 157 70.56 13.28 34.89
C PHE B 157 71.38 14.31 35.65
N VAL B 158 72.46 14.73 35.04
CA VAL B 158 73.30 15.75 35.63
C VAL B 158 73.32 16.96 34.72
N PHE B 159 73.16 18.13 35.32
CA PHE B 159 73.12 19.38 34.57
C PHE B 159 74.48 20.04 34.52
N LYS B 160 74.98 20.18 33.30
CA LYS B 160 76.24 20.84 33.04
C LYS B 160 75.99 22.21 32.39
N LEU B 161 76.24 23.27 33.15
CA LEU B 161 75.92 24.62 32.72
C LEU B 161 76.58 24.95 31.37
N GLU B 162 77.76 24.39 31.12
CA GLU B 162 78.51 24.77 29.92
C GLU B 162 77.96 24.17 28.63
N ASP B 163 77.11 23.16 28.74
CA ASP B 163 76.48 22.56 27.57
C ASP B 163 75.39 23.45 27.01
N TYR B 164 74.64 24.08 27.90
CA TYR B 164 73.48 24.87 27.53
C TYR B 164 73.84 26.33 27.28
N GLN B 165 75.12 26.65 27.35
CA GLN B 165 75.56 28.03 27.11
C GLN B 165 75.28 28.52 25.71
N ASP B 166 75.83 27.84 24.72
CA ASP B 166 75.46 28.15 23.37
C ASP B 166 74.79 26.90 22.80
N ALA B 167 73.47 26.93 22.68
CA ALA B 167 72.73 25.70 22.41
C ALA B 167 71.40 25.89 21.73
N VAL B 168 71.03 24.91 20.92
CA VAL B 168 69.68 24.77 20.41
C VAL B 168 69.12 23.47 20.93
N ILE B 169 67.97 23.52 21.59
CA ILE B 169 67.42 22.32 22.21
C ILE B 169 66.09 21.96 21.60
N ILE B 170 65.79 20.66 21.57
CA ILE B 170 64.48 20.20 21.14
C ILE B 170 63.91 19.30 22.23
N PRO B 171 62.61 19.43 22.52
CA PRO B 171 61.96 18.58 23.50
C PRO B 171 61.84 17.16 22.97
N ARG B 172 62.21 16.17 23.77
CA ARG B 172 62.16 14.79 23.30
C ARG B 172 60.76 14.20 23.44
N TYR B 173 59.90 14.89 24.17
CA TYR B 173 58.61 14.33 24.58
C TYR B 173 57.45 14.67 23.66
N ARG B 174 57.69 15.45 22.61
CA ARG B 174 56.61 15.81 21.70
C ARG B 174 57.11 16.16 20.32
N ASN B 175 56.17 16.18 19.38
CA ASN B 175 56.44 16.45 17.99
C ASN B 175 57.56 15.53 17.47
N PHE B 176 57.34 14.22 17.51
CA PHE B 176 58.37 13.27 17.10
C PHE B 176 58.56 13.35 15.61
N ASP B 177 57.44 13.60 14.95
CA ASP B 177 57.36 13.85 13.52
C ASP B 177 58.33 14.94 13.09
N GLN B 178 58.06 16.15 13.59
CA GLN B 178 58.83 17.33 13.23
C GLN B 178 59.16 18.17 14.46
N PRO B 179 60.27 17.82 15.15
CA PRO B 179 60.66 18.42 16.43
C PRO B 179 60.83 19.93 16.42
N HIS B 180 60.33 20.60 17.45
CA HIS B 180 60.48 22.04 17.55
C HIS B 180 61.85 22.35 18.12
N ARG B 181 62.48 23.41 17.62
CA ARG B 181 63.81 23.82 18.06
C ARG B 181 63.79 25.20 18.69
N PHE B 182 64.55 25.37 19.77
CA PHE B 182 64.58 26.65 20.48
C PHE B 182 66.02 27.08 20.79
N TYR B 183 66.28 28.39 20.76
CA TYR B 183 67.50 28.92 21.35
C TYR B 183 67.39 28.82 22.86
N VAL B 184 68.50 28.70 23.59
CA VAL B 184 68.39 28.85 25.04
C VAL B 184 68.56 30.32 25.35
N ALA B 185 67.49 30.95 25.83
CA ALA B 185 67.51 32.39 26.09
C ALA B 185 68.12 32.73 27.43
N ASP B 186 67.78 31.94 28.44
CA ASP B 186 68.25 32.18 29.80
C ASP B 186 68.31 30.89 30.58
N VAL B 187 69.18 30.82 31.57
CA VAL B 187 69.14 29.70 32.49
C VAL B 187 68.63 30.19 33.83
N TYR B 188 67.44 29.76 34.22
CA TYR B 188 66.87 30.26 35.47
C TYR B 188 67.27 29.39 36.63
N THR B 189 68.20 29.90 37.42
CA THR B 189 68.85 29.15 38.48
C THR B 189 68.02 29.17 39.75
N ASP B 190 67.15 30.18 39.90
CA ASP B 190 66.32 30.22 41.09
C ASP B 190 65.18 29.23 40.94
N LEU B 191 65.00 28.74 39.72
CA LEU B 191 63.93 27.77 39.45
C LEU B 191 64.42 26.32 39.50
N THR B 192 63.47 25.40 39.38
CA THR B 192 63.73 23.98 39.63
C THR B 192 62.42 23.27 39.26
N PRO B 193 62.49 21.98 38.90
CA PRO B 193 61.25 21.28 38.54
C PRO B 193 60.18 21.33 39.64
N LEU B 194 60.55 21.70 40.85
CA LEU B 194 59.56 21.88 41.90
C LEU B 194 59.04 23.32 41.98
N SER B 195 59.47 24.19 41.08
CA SER B 195 58.93 25.56 41.06
C SER B 195 57.45 25.55 40.70
N LYS B 196 56.74 26.63 41.03
CA LYS B 196 55.31 26.68 40.77
C LYS B 196 55.06 26.78 39.28
N PHE B 197 54.25 25.88 38.74
CA PHE B 197 53.84 25.95 37.34
C PHE B 197 53.08 27.23 37.10
N PRO B 198 53.33 27.90 35.96
CA PRO B 198 52.70 29.21 35.74
C PRO B 198 51.17 29.15 35.56
N SER B 199 50.66 28.06 35.00
CA SER B 199 49.22 27.90 34.72
C SER B 199 48.51 27.19 35.87
N PRO B 200 47.23 27.54 36.12
CA PRO B 200 46.51 27.15 37.34
C PRO B 200 46.27 25.64 37.55
N GLU B 201 46.12 24.88 36.47
CA GLU B 201 45.70 23.48 36.58
C GLU B 201 46.76 22.54 37.17
N TYR B 202 48.00 23.01 37.29
CA TYR B 202 49.12 22.18 37.73
C TYR B 202 49.93 22.90 38.80
N GLU B 203 50.39 22.19 39.82
CA GLU B 203 51.16 22.89 40.86
C GLU B 203 52.60 23.17 40.47
N THR B 204 53.30 22.16 39.97
CA THR B 204 54.72 22.26 39.66
C THR B 204 55.04 21.71 38.27
N PHE B 205 56.19 22.11 37.74
CA PHE B 205 56.67 21.58 36.47
C PHE B 205 56.76 20.06 36.51
N ALA B 206 57.20 19.52 37.64
CA ALA B 206 57.24 18.07 37.80
C ALA B 206 55.85 17.46 37.61
N GLU B 207 54.84 18.10 38.18
CA GLU B 207 53.46 17.61 38.10
C GLU B 207 52.89 17.70 36.68
N TYR B 208 53.19 18.82 36.02
CA TYR B 208 52.71 19.04 34.68
C TYR B 208 53.19 17.94 33.74
N TYR B 209 54.49 17.62 33.82
CA TYR B 209 55.05 16.62 32.90
C TYR B 209 54.68 15.19 33.30
N LYS B 210 54.47 14.94 34.59
CA LYS B 210 53.99 13.62 35.01
C LYS B 210 52.53 13.43 34.58
N THR B 211 51.69 14.45 34.82
CA THR B 211 50.27 14.39 34.50
C THR B 211 50.00 14.33 33.01
N LYS B 212 50.57 15.26 32.24
CA LYS B 212 50.28 15.30 30.82
C LYS B 212 51.03 14.26 30.00
N TYR B 213 52.35 14.18 30.18
CA TYR B 213 53.16 13.32 29.33
C TYR B 213 53.55 11.97 29.95
N ASN B 214 53.11 11.74 31.18
CA ASN B 214 53.53 10.55 31.94
C ASN B 214 55.06 10.41 32.00
N LEU B 215 55.72 11.51 32.35
CA LEU B 215 57.18 11.60 32.43
C LEU B 215 57.70 11.76 33.86
N ASP B 216 58.74 11.01 34.17
CA ASP B 216 59.39 11.02 35.48
C ASP B 216 60.79 11.65 35.46
N LEU B 217 61.05 12.57 36.39
CA LEU B 217 62.34 13.27 36.46
C LEU B 217 63.30 12.63 37.44
N THR B 218 64.54 12.38 37.02
CA THR B 218 65.53 11.79 37.91
C THR B 218 66.32 12.87 38.63
N ASN B 219 66.22 14.10 38.15
CA ASN B 219 66.93 15.19 38.77
C ASN B 219 65.99 16.36 39.07
N LEU B 220 65.77 16.61 40.36
CA LEU B 220 64.87 17.66 40.80
C LEU B 220 65.63 18.92 41.17
N ASN B 221 66.95 18.90 41.02
CA ASN B 221 67.75 20.05 41.40
C ASN B 221 68.14 20.97 40.24
N GLN B 222 67.80 20.55 39.03
CA GLN B 222 68.23 21.26 37.82
C GLN B 222 67.54 22.60 37.65
N PRO B 223 68.27 23.60 37.12
CA PRO B 223 67.58 24.86 36.83
C PRO B 223 66.64 24.65 35.66
N LEU B 224 65.91 25.68 35.28
CA LEU B 224 65.00 25.55 34.16
C LEU B 224 65.42 26.55 33.10
N LEU B 225 65.01 26.32 31.86
CA LEU B 225 65.53 27.08 30.75
C LEU B 225 64.47 27.98 30.12
N ASP B 226 64.84 29.24 29.92
CA ASP B 226 64.06 30.16 29.09
C ASP B 226 64.48 29.93 27.64
N VAL B 227 63.52 30.05 26.71
CA VAL B 227 63.80 29.75 25.32
C VAL B 227 63.41 30.87 24.35
N ASP B 228 63.88 30.75 23.12
CA ASP B 228 63.51 31.70 22.07
C ASP B 228 63.32 30.94 20.78
N HIS B 229 62.58 31.53 19.84
CA HIS B 229 62.37 30.87 18.55
C HIS B 229 62.27 31.84 17.40
N THR B 230 62.98 31.55 16.30
CA THR B 230 62.87 32.27 15.04
C THR B 230 63.06 31.35 13.83
N SER B 231 62.25 31.53 12.78
CA SER B 231 62.62 30.95 11.49
C SER B 231 62.02 31.66 10.26
N SER B 232 62.86 31.80 9.22
CA SER B 232 62.45 32.20 7.87
C SER B 232 61.43 33.33 7.64
N ARG B 233 61.67 34.49 8.25
CA ARG B 233 60.91 35.70 7.96
C ARG B 233 61.58 36.31 6.72
N LEU B 234 61.09 37.41 6.17
CA LEU B 234 61.73 37.95 4.96
C LEU B 234 63.11 38.41 5.41
N ASN B 235 63.13 39.25 6.43
CA ASN B 235 64.36 39.80 7.02
C ASN B 235 65.16 40.88 6.29
N LEU B 236 64.84 41.21 5.04
CA LEU B 236 65.61 42.26 4.34
C LEU B 236 65.12 43.64 4.74
N LEU B 237 63.83 43.74 4.96
CA LEU B 237 63.21 44.98 5.41
C LEU B 237 62.66 44.79 6.82
N THR B 238 63.03 45.69 7.70
CA THR B 238 62.60 45.66 9.09
C THR B 238 61.07 45.54 9.21
N PRO B 239 60.59 44.69 10.12
CA PRO B 239 59.17 44.57 10.46
C PRO B 239 58.67 45.66 11.41
N LEU B 251 46.61 43.20 8.92
CA LEU B 251 46.39 42.14 9.89
C LEU B 251 46.12 40.80 9.19
N SER B 252 45.41 39.91 9.89
CA SER B 252 45.03 38.58 9.37
C SER B 252 44.28 37.78 10.42
N SER B 253 43.86 36.57 10.05
CA SER B 253 43.27 35.66 11.03
C SER B 253 44.32 34.68 11.56
N ALA B 254 44.87 33.88 10.65
CA ALA B 254 45.89 32.91 10.99
C ALA B 254 47.17 33.57 11.51
N GLU B 255 47.46 34.78 11.02
CA GLU B 255 48.66 35.48 11.48
C GLU B 255 48.44 36.24 12.80
N LYS B 256 47.25 36.76 13.03
CA LYS B 256 46.96 37.40 14.32
C LYS B 256 47.00 36.33 15.40
N ARG B 257 46.66 35.10 15.00
CA ARG B 257 46.66 33.93 15.86
C ARG B 257 48.05 33.35 16.09
N LYS B 258 48.90 33.38 15.06
CA LYS B 258 50.28 32.91 15.21
C LYS B 258 51.09 33.89 16.05
N ALA B 259 50.70 35.15 16.02
CA ALA B 259 51.35 36.15 16.84
C ALA B 259 51.28 35.70 18.28
N LYS B 260 50.11 35.24 18.71
CA LYS B 260 49.91 34.71 20.06
C LYS B 260 50.64 33.41 20.31
N TRP B 261 50.68 32.56 19.29
CA TRP B 261 51.33 31.28 19.45
C TRP B 261 52.79 31.46 19.77
N GLU B 262 53.46 32.28 18.95
CA GLU B 262 54.88 32.57 19.09
C GLU B 262 55.17 33.26 20.41
N SER B 263 54.28 34.16 20.80
CA SER B 263 54.41 34.88 22.05
C SER B 263 54.44 33.91 23.21
N LEU B 264 53.51 32.97 23.19
CA LEU B 264 53.45 31.94 24.23
C LEU B 264 54.66 31.02 24.14
N GLN B 265 55.10 30.74 22.92
CA GLN B 265 56.24 29.86 22.68
C GLN B 265 57.52 30.38 23.33
N ASN B 266 57.75 31.69 23.23
CA ASN B 266 58.94 32.31 23.79
C ASN B 266 58.85 32.45 25.29
N LYS B 267 57.65 32.29 25.83
CA LYS B 267 57.46 32.37 27.27
C LYS B 267 57.55 30.99 27.91
N GLN B 268 57.72 29.96 27.09
CA GLN B 268 57.91 28.61 27.61
C GLN B 268 59.16 28.52 28.50
N ILE B 269 59.04 27.71 29.54
CA ILE B 269 60.13 27.36 30.43
C ILE B 269 60.32 25.86 30.36
N LEU B 270 61.52 25.41 30.03
CA LEU B 270 61.73 23.99 29.77
C LEU B 270 62.65 23.35 30.80
N VAL B 271 62.56 22.03 30.89
CA VAL B 271 63.37 21.22 31.80
C VAL B 271 64.48 20.59 31.00
N PRO B 272 65.74 20.89 31.36
CA PRO B 272 66.95 20.44 30.67
C PRO B 272 66.97 18.94 30.43
N GLU B 273 66.55 18.19 31.44
CA GLU B 273 66.53 16.75 31.37
C GLU B 273 65.64 16.24 30.24
N LEU B 274 64.57 16.98 29.96
CA LEU B 274 63.58 16.58 28.94
C LEU B 274 63.88 17.17 27.56
N CYS B 275 65.00 17.84 27.42
CA CYS B 275 65.35 18.40 26.12
C CYS B 275 66.64 17.78 25.60
N ALA B 276 66.69 17.58 24.29
CA ALA B 276 67.91 17.11 23.65
C ALA B 276 68.68 18.28 23.05
N ILE B 277 70.00 18.24 23.15
CA ILE B 277 70.81 19.32 22.58
C ILE B 277 71.20 19.02 21.13
N HIS B 278 70.91 19.98 20.25
CA HIS B 278 71.26 19.88 18.85
C HIS B 278 72.77 20.04 18.66
N PRO B 279 73.35 19.27 17.73
CA PRO B 279 74.78 19.31 17.41
C PRO B 279 75.27 20.69 16.98
N ILE B 280 74.50 21.39 16.15
CA ILE B 280 74.86 22.74 15.71
C ILE B 280 74.53 23.81 16.77
N PRO B 281 75.55 24.58 17.19
CA PRO B 281 75.39 25.60 18.24
C PRO B 281 74.50 26.77 17.84
N ALA B 282 73.95 27.46 18.83
CA ALA B 282 73.01 28.55 18.59
C ALA B 282 73.65 29.73 17.86
N SER B 283 74.92 30.00 18.15
CA SER B 283 75.63 31.12 17.54
C SER B 283 75.69 30.98 16.04
N LEU B 284 75.85 29.75 15.56
CA LEU B 284 75.89 29.47 14.13
C LEU B 284 74.50 29.48 13.53
N TRP B 285 73.53 29.03 14.32
CA TRP B 285 72.15 28.97 13.88
C TRP B 285 71.56 30.35 13.59
N ARG B 286 71.96 31.34 14.37
CA ARG B 286 71.48 32.70 14.18
C ARG B 286 71.94 33.24 12.84
N LYS B 287 73.12 32.78 12.41
CA LYS B 287 73.66 33.19 11.11
C LYS B 287 72.94 32.48 9.98
N ALA B 288 72.56 31.23 10.21
CA ALA B 288 71.95 30.40 9.18
C ALA B 288 70.57 30.90 8.73
N VAL B 289 69.83 31.55 9.62
CA VAL B 289 68.49 32.02 9.31
C VAL B 289 68.48 33.28 8.45
N CYS B 290 69.67 33.86 8.23
CA CYS B 290 69.79 34.98 7.32
C CYS B 290 70.06 34.52 5.90
N LEU B 291 70.33 33.22 5.74
CA LEU B 291 70.68 32.68 4.44
C LEU B 291 69.57 32.81 3.39
N PRO B 292 68.30 32.47 3.74
CA PRO B 292 67.26 32.65 2.72
C PRO B 292 67.13 34.11 2.30
N SER B 293 67.19 35.02 3.26
CA SER B 293 67.05 36.44 2.98
C SER B 293 68.21 36.99 2.15
N ILE B 294 69.43 36.54 2.48
CA ILE B 294 70.63 36.98 1.75
C ILE B 294 70.60 36.47 0.32
N LEU B 295 70.26 35.20 0.15
CA LEU B 295 70.19 34.60 -1.17
C LEU B 295 69.11 35.29 -2.01
N TYR B 296 68.11 35.87 -1.35
CA TYR B 296 67.10 36.66 -2.06
C TYR B 296 67.72 37.90 -2.72
N ARG B 297 68.57 38.61 -1.97
CA ARG B 297 69.21 39.82 -2.47
C ARG B 297 70.10 39.49 -3.66
N LEU B 298 70.71 38.31 -3.61
CA LEU B 298 71.60 37.86 -4.67
C LEU B 298 70.87 37.46 -5.95
N HIS B 299 69.70 36.84 -5.81
CA HIS B 299 68.90 36.45 -6.98
C HIS B 299 68.08 37.58 -7.59
N CYS B 300 68.05 38.73 -6.94
CA CYS B 300 67.25 39.86 -7.44
C CYS B 300 67.77 41.18 -6.88
N GLN C 3 -5.26 44.35 18.71
CA GLN C 3 -4.46 43.91 17.57
C GLN C 3 -5.05 44.37 16.23
N PRO C 4 -4.90 45.67 15.92
CA PRO C 4 -5.37 46.23 14.65
C PRO C 4 -4.44 45.83 13.50
N CYS C 5 -4.99 45.66 12.31
CA CYS C 5 -4.18 45.27 11.16
C CYS C 5 -4.75 45.79 9.84
N TYR C 6 -3.89 45.90 8.83
CA TYR C 6 -4.28 46.46 7.54
C TYR C 6 -4.04 45.48 6.40
N LEU C 7 -5.07 45.29 5.58
CA LEU C 7 -5.02 44.34 4.48
C LEU C 7 -4.92 45.01 3.13
N TYR C 8 -3.76 44.82 2.50
CA TYR C 8 -3.49 45.32 1.17
C TYR C 8 -3.65 44.17 0.18
N VAL C 9 -4.19 44.46 -1.01
CA VAL C 9 -4.21 43.46 -2.08
C VAL C 9 -3.16 43.85 -3.11
N ILE C 10 -2.58 42.86 -3.80
CA ILE C 10 -1.62 43.17 -4.85
C ILE C 10 -2.27 43.06 -6.22
N GLY C 11 -2.54 44.20 -6.83
CA GLY C 11 -3.12 44.22 -8.16
C GLY C 11 -2.11 43.81 -9.22
N MET C 12 -2.47 42.85 -10.04
CA MET C 12 -1.61 42.47 -11.16
C MET C 12 -2.42 42.54 -12.45
N VAL C 13 -2.03 43.42 -13.36
CA VAL C 13 -2.74 43.53 -14.64
C VAL C 13 -1.72 43.60 -15.78
N LEU C 14 -1.97 42.86 -16.87
CA LEU C 14 -1.02 42.83 -17.98
C LEU C 14 -1.36 43.95 -18.94
N THR C 15 -0.58 45.03 -18.86
CA THR C 15 -0.84 46.21 -19.65
C THR C 15 -0.20 46.16 -21.04
N THR C 16 0.93 45.46 -21.16
CA THR C 16 1.62 45.32 -22.45
C THR C 16 1.94 43.88 -22.78
N PRO C 17 1.03 43.18 -23.47
CA PRO C 17 1.36 41.80 -23.85
C PRO C 17 2.54 41.72 -24.80
N LEU C 18 3.16 40.55 -24.86
CA LEU C 18 4.27 40.28 -25.75
C LEU C 18 3.86 40.50 -27.23
N PRO C 19 4.52 41.44 -27.93
CA PRO C 19 4.01 41.87 -29.25
C PRO C 19 4.29 41.02 -30.51
N ASP C 20 4.29 39.70 -30.43
CA ASP C 20 4.39 38.79 -31.60
C ASP C 20 5.71 38.82 -32.36
N GLU C 21 6.49 39.89 -32.19
CA GLU C 21 7.82 39.93 -32.79
C GLU C 21 8.72 39.34 -31.73
N LEU C 22 8.47 39.75 -30.49
CA LEU C 22 9.17 39.19 -29.34
C LEU C 22 8.83 37.72 -29.17
N ASN C 23 7.60 37.34 -29.49
CA ASN C 23 7.19 35.95 -29.42
C ASN C 23 7.11 35.31 -30.81
N PHE C 24 8.12 34.53 -31.15
CA PHE C 24 8.22 33.84 -32.45
C PHE C 24 7.35 32.60 -32.48
N ARG C 25 7.33 31.91 -31.36
CA ARG C 25 6.71 30.60 -31.24
C ARG C 25 5.19 30.65 -31.10
N ARG C 26 4.63 31.86 -31.08
CA ARG C 26 3.20 32.03 -30.86
C ARG C 26 2.83 31.35 -29.55
N ARG C 27 3.65 31.62 -28.53
CA ARG C 27 3.48 31.08 -27.19
C ARG C 27 2.24 31.70 -26.53
N LYS C 28 1.55 30.95 -25.69
CA LYS C 28 0.38 31.51 -25.01
C LYS C 28 0.71 32.58 -23.98
N LEU C 29 -0.18 33.55 -23.89
CA LEU C 29 -0.06 34.63 -22.92
C LEU C 29 -1.01 34.39 -21.76
N TYR C 30 -0.57 34.72 -20.55
CA TYR C 30 -1.37 34.46 -19.36
C TYR C 30 -1.62 35.72 -18.53
N PRO C 31 -2.62 36.52 -18.92
CA PRO C 31 -2.97 37.74 -18.19
C PRO C 31 -3.37 37.42 -16.76
N PRO C 32 -2.85 38.19 -15.77
CA PRO C 32 -3.15 37.96 -14.36
C PRO C 32 -4.62 38.25 -14.04
N GLU C 33 -5.22 39.16 -14.79
CA GLU C 33 -6.58 39.57 -14.54
C GLU C 33 -7.62 38.49 -14.90
N ASP C 34 -7.20 37.44 -15.61
CA ASP C 34 -8.13 36.39 -16.03
C ASP C 34 -8.52 35.45 -14.89
N THR C 35 -7.83 35.55 -13.77
CA THR C 35 -8.06 34.64 -12.65
C THR C 35 -8.25 35.45 -11.36
N THR C 36 -9.21 35.04 -10.52
CA THR C 36 -9.59 35.83 -9.35
C THR C 36 -8.70 35.73 -8.13
N ARG C 37 -8.00 34.61 -7.98
CA ARG C 37 -7.19 34.39 -6.78
C ARG C 37 -5.98 35.34 -6.77
N CYS C 38 -5.84 36.11 -5.71
CA CYS C 38 -4.78 37.12 -5.70
C CYS C 38 -3.85 36.80 -4.57
N PHE C 39 -2.88 37.69 -4.37
CA PHE C 39 -2.04 37.62 -3.20
C PHE C 39 -2.13 38.97 -2.51
N GLY C 40 -2.10 38.96 -1.18
CA GLY C 40 -2.19 40.19 -0.43
C GLY C 40 -1.25 40.23 0.75
N ILE C 41 -1.05 41.44 1.28
CA ILE C 41 -0.24 41.67 2.46
C ILE C 41 -1.10 42.02 3.67
N LEU C 42 -0.70 41.50 4.83
CA LEU C 42 -1.30 41.86 6.12
C LEU C 42 -0.28 42.62 6.96
N THR C 43 -0.63 43.79 7.45
CA THR C 43 0.32 44.54 8.24
C THR C 43 -0.29 45.13 9.51
N ALA C 44 0.56 45.57 10.43
CA ALA C 44 0.11 46.28 11.63
C ALA C 44 0.36 47.78 11.45
N LYS C 45 1.63 48.16 11.35
CA LYS C 45 1.93 49.52 10.95
C LYS C 45 1.61 49.57 9.46
N PRO C 46 0.96 50.65 9.03
CA PRO C 46 0.54 50.80 7.62
C PRO C 46 1.70 51.00 6.65
N ILE C 47 1.36 51.10 5.37
CA ILE C 47 2.37 51.22 4.33
C ILE C 47 2.52 52.64 3.78
N PRO C 48 3.77 53.13 3.77
CA PRO C 48 4.16 54.41 3.17
C PRO C 48 3.91 54.31 1.67
N GLN C 49 2.69 54.66 1.25
CA GLN C 49 2.13 54.24 -0.03
C GLN C 49 3.04 54.48 -1.24
N ILE C 50 3.13 53.43 -2.05
CA ILE C 50 4.10 53.28 -3.13
C ILE C 50 3.43 53.41 -4.51
N PRO C 51 4.13 54.08 -5.46
CA PRO C 51 3.63 54.22 -6.84
C PRO C 51 3.51 52.90 -7.58
N HIS C 52 2.60 52.81 -8.53
CA HIS C 52 2.47 51.60 -9.31
C HIS C 52 3.76 51.40 -10.09
N PHE C 53 4.27 50.17 -10.09
CA PHE C 53 5.52 49.90 -10.76
C PHE C 53 5.35 48.68 -11.67
N PRO C 54 6.11 48.63 -12.77
CA PRO C 54 6.06 47.45 -13.64
C PRO C 54 6.86 46.27 -13.14
N VAL C 55 6.36 45.06 -13.39
CA VAL C 55 7.20 43.86 -13.36
C VAL C 55 7.02 43.13 -14.70
N TYR C 56 8.10 42.57 -15.23
CA TYR C 56 8.05 41.96 -16.55
C TYR C 56 8.06 40.44 -16.43
N THR C 57 6.95 39.83 -16.79
CA THR C 57 6.83 38.39 -16.67
C THR C 57 6.95 37.83 -18.07
N ARG C 58 6.85 36.52 -18.22
CA ARG C 58 6.92 35.91 -19.55
C ARG C 58 5.79 36.37 -20.44
N SER C 59 4.65 36.69 -19.85
CA SER C 59 3.49 37.03 -20.63
C SER C 59 3.52 38.50 -21.07
N GLY C 60 4.39 39.29 -20.46
CA GLY C 60 4.50 40.69 -20.85
C GLY C 60 4.80 41.61 -19.69
N GLU C 61 4.53 42.90 -19.86
CA GLU C 61 4.63 43.83 -18.75
C GLU C 61 3.37 43.77 -17.87
N VAL C 62 3.57 43.50 -16.59
CA VAL C 62 2.47 43.40 -15.65
C VAL C 62 2.58 44.51 -14.65
N THR C 63 1.53 45.34 -14.55
CA THR C 63 1.55 46.47 -13.63
C THR C 63 1.09 46.04 -12.24
N ILE C 64 1.85 46.47 -11.23
CA ILE C 64 1.58 46.08 -9.85
C ILE C 64 0.98 47.24 -9.07
N SER C 65 -0.17 46.99 -8.43
CA SER C 65 -0.81 47.99 -7.59
C SER C 65 -1.02 47.44 -6.19
N ILE C 66 -0.39 48.04 -5.19
CA ILE C 66 -0.69 47.68 -3.81
C ILE C 66 -1.80 48.59 -3.31
N GLU C 67 -3.00 48.05 -3.14
CA GLU C 67 -4.13 48.88 -2.75
C GLU C 67 -4.71 48.37 -1.44
N LEU C 68 -5.15 49.30 -0.60
CA LEU C 68 -5.64 48.97 0.75
C LEU C 68 -7.11 48.53 0.74
N LYS C 69 -7.34 47.29 1.16
CA LYS C 69 -8.65 46.66 1.10
C LYS C 69 -9.52 46.84 2.34
N LYS C 70 -8.97 46.45 3.49
CA LYS C 70 -9.70 46.53 4.75
C LYS C 70 -8.73 47.07 5.79
N SER C 71 -9.22 47.98 6.63
CA SER C 71 -8.32 48.66 7.54
C SER C 71 -8.92 48.81 8.94
N GLY C 72 -8.06 48.73 9.94
CA GLY C 72 -8.49 48.96 11.30
C GLY C 72 -9.08 47.73 11.97
N PHE C 73 -9.30 46.66 11.22
CA PHE C 73 -10.00 45.50 11.77
C PHE C 73 -9.14 44.73 12.77
N MET C 74 -9.76 43.83 13.53
CA MET C 74 -9.06 43.07 14.54
C MET C 74 -9.10 41.60 14.22
N LEU C 75 -8.03 40.93 14.59
CA LEU C 75 -7.84 39.53 14.27
C LEU C 75 -7.45 38.69 15.48
N SER C 76 -8.15 37.58 15.66
CA SER C 76 -7.86 36.65 16.75
C SER C 76 -6.44 36.15 16.62
N LEU C 77 -5.93 35.50 17.66
CA LEU C 77 -4.57 35.01 17.59
C LEU C 77 -4.56 33.67 16.84
N GLN C 78 -5.66 32.91 16.92
CA GLN C 78 -5.72 31.64 16.19
C GLN C 78 -5.57 31.93 14.69
N MET C 79 -6.09 33.08 14.26
CA MET C 79 -6.06 33.47 12.85
C MET C 79 -4.67 33.91 12.39
N LEU C 80 -3.95 34.64 13.22
CA LEU C 80 -2.60 35.07 12.87
C LEU C 80 -1.64 33.89 12.69
N GLU C 81 -1.90 32.79 13.40
CA GLU C 81 -1.06 31.60 13.24
C GLU C 81 -1.37 30.99 11.89
N LEU C 82 -2.66 30.92 11.58
CA LEU C 82 -3.10 30.35 10.31
C LEU C 82 -2.54 31.15 9.15
N ILE C 83 -2.58 32.47 9.28
CA ILE C 83 -2.06 33.35 8.24
C ILE C 83 -0.56 33.13 8.07
N THR C 84 0.15 32.93 9.18
CA THR C 84 1.60 32.69 9.15
C THR C 84 1.90 31.31 8.57
N ARG C 85 1.06 30.33 8.86
CA ARG C 85 1.25 29.01 8.27
C ARG C 85 1.11 29.09 6.75
N LEU C 86 0.28 30.01 6.28
CA LEU C 86 0.17 30.29 4.85
C LEU C 86 1.38 31.05 4.31
N HIS C 87 1.84 32.06 5.05
CA HIS C 87 3.03 32.80 4.65
C HIS C 87 4.23 31.86 4.55
N GLN C 88 4.32 30.89 5.45
CA GLN C 88 5.44 29.95 5.45
C GLN C 88 5.42 29.11 4.18
N TYR C 89 4.29 28.45 3.97
CA TYR C 89 4.06 27.58 2.82
C TYR C 89 4.37 28.26 1.48
N ILE C 90 3.93 29.50 1.35
CA ILE C 90 4.24 30.28 0.16
C ILE C 90 5.75 30.41 -0.02
N PHE C 91 6.47 30.86 0.99
CA PHE C 91 7.90 31.11 0.80
C PHE C 91 8.87 29.94 0.95
N SER C 92 8.54 28.94 1.75
CA SER C 92 9.45 27.81 1.93
C SER C 92 9.04 26.71 0.98
N HIS C 93 7.79 26.29 1.10
CA HIS C 93 7.20 25.18 0.37
C HIS C 93 6.77 25.45 -1.10
N ILE C 94 6.78 26.70 -1.56
CA ILE C 94 6.49 26.97 -2.98
C ILE C 94 7.71 27.47 -3.75
N LEU C 95 8.22 28.63 -3.36
CA LEU C 95 9.46 29.12 -3.96
C LEU C 95 10.49 29.01 -2.87
N ARG C 96 11.38 28.02 -2.93
CA ARG C 96 12.27 27.78 -1.79
C ARG C 96 13.06 29.03 -1.40
N LEU C 97 12.99 29.36 -0.11
CA LEU C 97 13.57 30.57 0.51
C LEU C 97 13.56 31.78 -0.42
N TYR C 113 5.01 41.88 6.17
CA TYR C 113 4.75 41.11 7.38
C TYR C 113 4.02 39.80 7.17
N CYS C 114 2.89 39.84 6.47
CA CYS C 114 2.28 38.57 6.11
C CYS C 114 1.83 38.53 4.66
N VAL C 115 2.02 37.39 4.01
CA VAL C 115 1.55 37.26 2.64
C VAL C 115 0.52 36.15 2.68
N LEU C 116 -0.68 36.43 2.17
CA LEU C 116 -1.74 35.46 2.25
C LEU C 116 -2.54 35.45 0.96
N PRO C 117 -3.08 34.29 0.60
CA PRO C 117 -3.91 34.20 -0.60
C PRO C 117 -5.30 34.78 -0.35
N LEU C 118 -5.83 35.49 -1.34
CA LEU C 118 -7.14 36.11 -1.26
C LEU C 118 -7.98 35.69 -2.44
N ASN C 119 -9.30 35.81 -2.34
CA ASN C 119 -10.17 35.51 -3.46
C ASN C 119 -11.30 36.53 -3.50
N VAL C 120 -12.05 36.63 -4.59
CA VAL C 120 -13.12 37.63 -4.67
C VAL C 120 -14.52 37.08 -5.00
N VAL C 121 -15.53 37.61 -4.33
CA VAL C 121 -16.93 37.30 -4.68
C VAL C 121 -17.69 38.60 -5.00
N THR C 126 -16.41 41.54 -2.73
CA THR C 126 -15.32 42.01 -1.88
C THR C 126 -14.29 40.91 -1.71
N LEU C 127 -13.06 41.27 -1.35
CA LEU C 127 -11.98 40.30 -1.29
C LEU C 127 -11.86 39.71 0.10
N ASP C 128 -11.79 38.39 0.13
CA ASP C 128 -11.65 37.63 1.36
C ASP C 128 -10.59 36.55 1.15
N ILE C 129 -10.12 35.95 2.23
CA ILE C 129 -9.11 34.90 2.19
C ILE C 129 -9.49 33.74 1.27
N ASP C 130 -8.50 33.23 0.53
CA ASP C 130 -8.75 32.12 -0.39
C ASP C 130 -8.96 30.86 0.41
N PHE C 131 -10.14 30.28 0.26
CA PHE C 131 -10.48 29.06 0.99
C PHE C 131 -9.95 27.82 0.32
N LYS C 132 -10.03 27.78 -1.01
CA LYS C 132 -9.63 26.59 -1.72
C LYS C 132 -8.12 26.48 -1.76
N PHE C 133 -7.43 27.48 -1.25
CA PHE C 133 -5.98 27.41 -1.12
C PHE C 133 -5.70 26.52 0.07
N MET C 134 -6.28 26.88 1.21
CA MET C 134 -6.18 26.11 2.44
C MET C 134 -6.76 24.72 2.25
N GLU C 135 -7.85 24.63 1.50
CA GLU C 135 -8.56 23.37 1.29
C GLU C 135 -7.79 22.38 0.45
N ASP C 136 -6.95 22.90 -0.42
CA ASP C 136 -6.15 22.07 -1.30
C ASP C 136 -4.87 21.62 -0.59
N ILE C 137 -4.24 22.56 0.12
CA ILE C 137 -3.00 22.32 0.84
C ILE C 137 -3.16 21.22 1.90
N GLU C 138 -4.23 21.29 2.68
CA GLU C 138 -4.44 20.33 3.76
C GLU C 138 -5.00 18.98 3.31
N LYS C 139 -5.37 18.84 2.05
CA LYS C 139 -5.73 17.53 1.54
C LYS C 139 -4.51 16.88 0.91
N SER C 140 -3.39 17.60 0.95
CA SER C 140 -2.14 16.95 0.61
C SER C 140 -1.29 16.93 1.88
N GLU C 141 -1.12 15.73 2.42
CA GLU C 141 -0.35 15.55 3.65
C GLU C 141 1.06 15.11 3.30
N LYS C 153 -0.08 1.67 -9.92
CA LYS C 153 -1.33 1.01 -9.58
C LYS C 153 -1.78 0.05 -10.69
N GLU C 154 -1.83 -1.24 -10.37
CA GLU C 154 -2.25 -2.30 -11.29
C GLU C 154 -3.62 -2.10 -11.95
N THR C 155 -4.58 -1.55 -11.21
CA THR C 155 -5.85 -1.15 -11.83
C THR C 155 -5.52 0.09 -12.64
N PRO C 156 -6.26 0.36 -13.72
CA PRO C 156 -5.56 1.24 -14.67
C PRO C 156 -5.52 2.71 -14.29
N PHE C 157 -4.52 3.38 -14.84
CA PHE C 157 -4.42 4.83 -14.79
C PHE C 157 -5.32 5.44 -15.84
N VAL C 158 -6.04 6.48 -15.46
CA VAL C 158 -6.94 7.19 -16.34
C VAL C 158 -6.46 8.61 -16.53
N PHE C 159 -6.43 9.06 -17.78
CA PHE C 159 -5.97 10.39 -18.09
C PHE C 159 -7.13 11.37 -18.25
N LYS C 160 -7.23 12.37 -17.38
CA LYS C 160 -8.28 13.39 -17.55
C LYS C 160 -7.69 14.68 -18.11
N LEU C 161 -8.00 14.96 -19.37
CA LEU C 161 -7.45 16.11 -20.10
C LEU C 161 -7.71 17.45 -19.41
N GLU C 162 -8.88 17.56 -18.78
CA GLU C 162 -9.28 18.83 -18.17
C GLU C 162 -8.56 19.05 -16.84
N ASP C 163 -7.92 18.02 -16.32
CA ASP C 163 -7.10 18.13 -15.11
C ASP C 163 -5.77 18.82 -15.36
N TYR C 164 -5.16 18.53 -16.51
CA TYR C 164 -3.81 19.02 -16.80
C TYR C 164 -3.88 20.36 -17.49
N GLN C 165 -5.11 20.86 -17.64
CA GLN C 165 -5.35 22.10 -18.35
C GLN C 165 -4.67 23.27 -17.61
N ASP C 166 -5.04 23.46 -16.34
CA ASP C 166 -4.32 24.41 -15.49
C ASP C 166 -3.63 23.63 -14.37
N ALA C 167 -2.32 23.46 -14.50
CA ALA C 167 -1.63 22.54 -13.63
C ALA C 167 -0.12 22.79 -13.49
N VAL C 168 0.41 22.43 -12.33
CA VAL C 168 1.84 22.28 -12.13
C VAL C 168 2.09 20.82 -11.80
N ILE C 169 2.99 20.15 -12.50
CA ILE C 169 3.22 18.73 -12.26
C ILE C 169 4.63 18.50 -11.75
N ILE C 170 4.80 17.49 -10.90
CA ILE C 170 6.13 17.11 -10.44
C ILE C 170 6.33 15.60 -10.63
N PRO C 171 7.53 15.19 -11.07
CA PRO C 171 7.79 13.76 -11.20
C PRO C 171 7.88 13.08 -9.84
N ARG C 172 7.17 11.96 -9.68
CA ARG C 172 7.12 11.25 -8.40
C ARG C 172 8.29 10.29 -8.25
N TYR C 173 8.98 10.03 -9.35
CA TYR C 173 9.98 8.96 -9.40
C TYR C 173 11.42 9.46 -9.17
N ARG C 174 11.59 10.77 -8.99
CA ARG C 174 12.93 11.32 -8.82
C ARG C 174 12.98 12.64 -8.09
N ASN C 175 14.19 12.99 -7.66
CA ASN C 175 14.45 14.19 -6.86
C ASN C 175 13.52 14.23 -5.68
N PHE C 176 13.55 13.19 -4.85
CA PHE C 176 12.65 13.11 -3.70
C PHE C 176 13.04 14.14 -2.66
N ASP C 177 14.33 14.43 -2.61
CA ASP C 177 14.91 15.46 -1.76
C ASP C 177 14.21 16.81 -1.96
N GLN C 178 14.37 17.37 -3.16
CA GLN C 178 13.77 18.66 -3.47
C GLN C 178 13.11 18.58 -4.85
N PRO C 179 11.84 18.14 -4.91
CA PRO C 179 11.12 17.86 -6.14
C PRO C 179 11.04 19.03 -7.12
N HIS C 180 11.22 18.72 -8.40
CA HIS C 180 11.13 19.69 -9.48
C HIS C 180 9.67 19.95 -9.86
N ARG C 181 9.34 21.20 -10.14
CA ARG C 181 7.98 21.55 -10.54
C ARG C 181 7.96 22.17 -11.93
N PHE C 182 6.98 21.79 -12.74
CA PHE C 182 6.89 22.31 -14.09
C PHE C 182 5.48 22.76 -14.40
N TYR C 183 5.37 23.82 -15.19
CA TYR C 183 4.12 24.14 -15.84
C TYR C 183 3.86 23.15 -16.96
N VAL C 184 2.59 22.87 -17.24
CA VAL C 184 2.30 22.09 -18.43
C VAL C 184 2.07 23.09 -19.56
N ALA C 185 3.03 23.16 -20.48
CA ALA C 185 3.01 24.08 -21.62
C ALA C 185 2.26 23.50 -22.82
N ASP C 186 2.36 22.19 -22.99
CA ASP C 186 1.73 21.56 -24.14
C ASP C 186 1.25 20.14 -23.84
N VAL C 187 0.17 19.74 -24.50
CA VAL C 187 -0.30 18.37 -24.45
C VAL C 187 -0.17 17.72 -25.84
N TYR C 188 0.71 16.73 -25.97
CA TYR C 188 0.86 16.12 -27.26
C TYR C 188 -0.12 14.97 -27.33
N THR C 189 -1.20 15.15 -28.07
CA THR C 189 -2.32 14.22 -27.96
C THR C 189 -2.11 12.96 -28.77
N ASP C 190 -1.42 13.09 -29.89
CA ASP C 190 -1.14 11.97 -30.77
C ASP C 190 0.12 11.20 -30.39
N LEU C 191 0.90 11.73 -29.46
CA LEU C 191 2.06 11.01 -28.98
C LEU C 191 1.60 10.09 -27.86
N THR C 192 2.51 9.27 -27.35
CA THR C 192 2.14 8.15 -26.50
C THR C 192 3.42 7.56 -25.93
N PRO C 193 3.33 6.89 -24.76
CA PRO C 193 4.55 6.36 -24.13
C PRO C 193 5.32 5.38 -25.02
N LEU C 194 4.69 4.90 -26.08
CA LEU C 194 5.35 4.03 -27.06
C LEU C 194 5.94 4.79 -28.25
N SER C 195 5.84 6.11 -28.23
CA SER C 195 6.47 6.96 -29.25
C SER C 195 7.98 6.88 -29.09
N LYS C 196 8.72 7.29 -30.12
CA LYS C 196 10.19 7.17 -30.06
C LYS C 196 10.83 8.12 -29.05
N PHE C 197 11.62 7.58 -28.13
CA PHE C 197 12.39 8.36 -27.18
C PHE C 197 13.38 9.27 -27.94
N PRO C 198 13.58 10.51 -27.48
CA PRO C 198 14.42 11.43 -28.26
C PRO C 198 15.91 11.02 -28.34
N SER C 199 16.43 10.42 -27.28
CA SER C 199 17.86 10.06 -27.16
C SER C 199 18.16 8.62 -27.63
N PRO C 200 19.36 8.38 -28.21
CA PRO C 200 19.66 7.14 -28.94
C PRO C 200 19.65 5.86 -28.12
N GLU C 201 19.96 5.93 -26.84
CA GLU C 201 20.10 4.75 -25.99
C GLU C 201 18.78 4.03 -25.67
N TYR C 202 17.65 4.68 -25.95
CA TYR C 202 16.36 4.10 -25.61
C TYR C 202 15.39 4.18 -26.79
N GLU C 203 14.60 3.13 -26.99
CA GLU C 203 13.68 3.04 -28.10
C GLU C 203 12.41 3.86 -27.85
N THR C 204 11.81 3.69 -26.67
CA THR C 204 10.53 4.34 -26.34
C THR C 204 10.53 4.96 -24.95
N PHE C 205 9.61 5.88 -24.71
CA PHE C 205 9.42 6.43 -23.38
C PHE C 205 9.13 5.32 -22.38
N ALA C 206 8.32 4.36 -22.79
CA ALA C 206 7.99 3.21 -21.96
C ALA C 206 9.24 2.45 -21.55
N GLU C 207 10.12 2.22 -22.53
CA GLU C 207 11.34 1.45 -22.28
C GLU C 207 12.36 2.21 -21.44
N TYR C 208 12.48 3.51 -21.69
CA TYR C 208 13.40 4.36 -20.92
C TYR C 208 13.08 4.35 -19.42
N TYR C 209 11.80 4.48 -19.10
CA TYR C 209 11.36 4.55 -17.71
C TYR C 209 11.39 3.18 -17.07
N LYS C 210 11.27 2.15 -17.90
CA LYS C 210 11.34 0.79 -17.41
C LYS C 210 12.77 0.44 -17.02
N THR C 211 13.70 0.76 -17.92
CA THR C 211 15.11 0.41 -17.75
C THR C 211 15.79 1.23 -16.65
N LYS C 212 15.66 2.55 -16.69
CA LYS C 212 16.36 3.39 -15.74
C LYS C 212 15.73 3.39 -14.35
N TYR C 213 14.43 3.66 -14.28
CA TYR C 213 13.76 3.81 -13.00
C TYR C 213 12.97 2.57 -12.54
N ASN C 214 12.97 1.53 -13.38
CA ASN C 214 12.15 0.35 -13.15
C ASN C 214 10.69 0.69 -12.91
N LEU C 215 10.11 1.47 -13.81
CA LEU C 215 8.73 1.90 -13.69
C LEU C 215 7.87 1.21 -14.72
N ASP C 216 6.73 0.66 -14.30
CA ASP C 216 5.83 0.04 -15.26
C ASP C 216 4.60 0.90 -15.44
N LEU C 217 4.27 1.13 -16.70
CA LEU C 217 3.16 1.98 -17.10
C LEU C 217 1.93 1.11 -17.33
N THR C 218 0.83 1.44 -16.65
CA THR C 218 -0.39 0.65 -16.77
C THR C 218 -1.29 1.17 -17.89
N ASN C 219 -0.99 2.37 -18.38
CA ASN C 219 -1.76 3.00 -19.45
C ASN C 219 -0.86 3.44 -20.61
N LEU C 220 -0.97 2.79 -21.75
CA LEU C 220 -0.13 3.13 -22.90
C LEU C 220 -0.79 4.03 -23.95
N ASN C 221 -2.04 4.42 -23.74
CA ASN C 221 -2.71 5.30 -24.69
C ASN C 221 -2.68 6.79 -24.28
N GLN C 222 -2.08 7.09 -23.13
CA GLN C 222 -2.07 8.45 -22.61
C GLN C 222 -1.24 9.36 -23.47
N PRO C 223 -1.60 10.64 -23.54
CA PRO C 223 -0.74 11.59 -24.23
C PRO C 223 0.53 11.84 -23.43
N LEU C 224 1.41 12.66 -23.97
CA LEU C 224 2.61 13.05 -23.25
C LEU C 224 2.58 14.57 -23.11
N LEU C 225 3.32 15.10 -22.14
CA LEU C 225 3.22 16.50 -21.78
C LEU C 225 4.50 17.27 -22.08
N ASP C 226 4.37 18.43 -22.71
CA ASP C 226 5.49 19.33 -22.81
C ASP C 226 5.47 20.16 -21.52
N VAL C 227 6.64 20.50 -21.00
CA VAL C 227 6.71 21.23 -19.73
C VAL C 227 7.61 22.46 -19.80
N ASP C 228 7.49 23.32 -18.80
CA ASP C 228 8.35 24.52 -18.65
C ASP C 228 8.67 24.79 -17.17
N HIS C 229 9.70 25.61 -16.91
CA HIS C 229 10.10 25.92 -15.54
C HIS C 229 10.55 27.38 -15.35
N THR C 230 10.04 28.08 -14.33
CA THR C 230 10.51 29.44 -14.00
C THR C 230 10.49 29.66 -12.50
N SER C 231 11.53 30.20 -11.87
CA SER C 231 11.30 30.70 -10.51
C SER C 231 12.05 31.98 -10.13
N SER C 232 13.36 31.83 -9.97
CA SER C 232 14.23 32.86 -9.42
C SER C 232 14.59 34.07 -10.29
N ARG C 233 14.23 34.07 -11.57
CA ARG C 233 14.53 35.22 -12.44
C ARG C 233 14.02 36.54 -11.86
N LEU C 234 14.72 37.63 -12.21
CA LEU C 234 14.38 38.97 -11.74
C LEU C 234 13.42 39.63 -12.74
N ASN C 235 12.25 40.02 -12.25
CA ASN C 235 11.22 40.59 -13.11
C ASN C 235 11.22 42.11 -13.16
N LEU C 236 12.15 42.72 -12.42
CA LEU C 236 12.23 44.17 -12.30
C LEU C 236 12.79 44.84 -13.53
N LEU C 237 13.66 44.13 -14.22
CA LEU C 237 14.26 44.57 -15.48
C LEU C 237 13.77 43.67 -16.58
N THR C 238 14.20 43.93 -17.80
CA THR C 238 13.90 43.04 -18.90
C THR C 238 15.23 42.43 -19.40
N PRO C 239 15.89 41.57 -18.59
CA PRO C 239 17.09 40.90 -19.08
C PRO C 239 16.77 39.78 -20.04
N ARG C 240 15.52 39.39 -20.04
CA ARG C 240 15.09 38.24 -20.80
C ARG C 240 14.45 38.69 -22.11
N HIS C 241 15.20 38.43 -23.18
CA HIS C 241 14.93 38.89 -24.55
C HIS C 241 13.47 38.86 -24.93
N SER C 252 28.55 33.44 -18.46
CA SER C 252 30.00 33.30 -18.44
C SER C 252 30.44 31.94 -19.01
N SER C 253 30.84 31.06 -18.10
CA SER C 253 31.19 29.68 -18.42
C SER C 253 30.42 28.78 -17.47
N ALA C 254 30.64 28.97 -16.17
CA ALA C 254 29.98 28.19 -15.13
C ALA C 254 28.46 28.30 -15.27
N GLU C 255 28.00 29.43 -15.80
CA GLU C 255 26.59 29.65 -16.05
C GLU C 255 26.17 29.02 -17.38
N LYS C 256 27.14 28.84 -18.27
CA LYS C 256 26.84 28.18 -19.54
C LYS C 256 26.37 26.74 -19.26
N ARG C 257 26.77 26.20 -18.13
CA ARG C 257 26.35 24.86 -17.70
C ARG C 257 24.92 24.90 -17.19
N LYS C 258 24.53 26.00 -16.55
CA LYS C 258 23.15 26.18 -16.10
C LYS C 258 22.26 26.42 -17.31
N ALA C 259 22.79 27.10 -18.32
CA ALA C 259 22.11 27.32 -19.58
C ALA C 259 21.74 26.02 -20.27
N LYS C 260 22.70 25.10 -20.32
CA LYS C 260 22.48 23.82 -20.98
C LYS C 260 21.46 23.03 -20.18
N TRP C 261 21.50 23.17 -18.86
CA TRP C 261 20.56 22.43 -18.01
C TRP C 261 19.13 22.93 -18.20
N GLU C 262 18.95 24.25 -18.12
CA GLU C 262 17.63 24.86 -18.25
C GLU C 262 17.02 24.58 -19.61
N SER C 263 17.87 24.62 -20.64
CA SER C 263 17.44 24.36 -21.99
C SER C 263 16.89 22.96 -22.14
N LEU C 264 17.62 21.99 -21.63
CA LEU C 264 17.21 20.60 -21.70
C LEU C 264 15.98 20.33 -20.86
N GLN C 265 15.91 21.02 -19.72
CA GLN C 265 14.81 20.84 -18.79
C GLN C 265 13.48 21.19 -19.45
N ASN C 266 13.48 22.26 -20.23
CA ASN C 266 12.27 22.73 -20.91
C ASN C 266 11.92 21.90 -22.14
N LYS C 267 12.87 21.09 -22.57
CA LYS C 267 12.67 20.24 -23.72
C LYS C 267 12.19 18.85 -23.31
N GLN C 268 12.09 18.65 -21.99
CA GLN C 268 11.58 17.40 -21.44
C GLN C 268 10.14 17.12 -21.86
N ILE C 269 9.87 15.85 -22.11
CA ILE C 269 8.54 15.34 -22.40
C ILE C 269 8.18 14.35 -21.30
N LEU C 270 7.09 14.60 -20.58
CA LEU C 270 6.79 13.79 -19.42
C LEU C 270 5.56 12.93 -19.61
N VAL C 271 5.47 11.90 -18.78
CA VAL C 271 4.36 10.97 -18.83
C VAL C 271 3.42 11.23 -17.66
N PRO C 272 2.15 11.57 -17.95
CA PRO C 272 1.15 11.92 -16.93
C PRO C 272 0.99 10.91 -15.80
N GLU C 273 1.01 9.62 -16.10
CA GLU C 273 0.89 8.59 -15.07
C GLU C 273 1.99 8.72 -14.01
N LEU C 274 3.17 9.15 -14.43
CA LEU C 274 4.31 9.22 -13.52
C LEU C 274 4.45 10.62 -12.90
N CYS C 275 3.50 11.50 -13.17
CA CYS C 275 3.53 12.84 -12.62
C CYS C 275 2.34 13.13 -11.72
N ALA C 276 2.58 13.86 -10.63
CA ALA C 276 1.51 14.33 -9.74
C ALA C 276 1.17 15.78 -10.01
N ILE C 277 -0.11 16.12 -9.94
CA ILE C 277 -0.51 17.51 -10.11
C ILE C 277 -0.51 18.21 -8.75
N HIS C 278 0.20 19.33 -8.68
CA HIS C 278 0.29 20.13 -7.46
C HIS C 278 -1.05 20.79 -7.18
N PRO C 279 -1.43 20.87 -5.90
CA PRO C 279 -2.73 21.41 -5.46
C PRO C 279 -3.03 22.82 -5.98
N ILE C 280 -2.01 23.67 -6.00
CA ILE C 280 -2.13 25.04 -6.48
C ILE C 280 -2.08 25.14 -8.00
N PRO C 281 -3.10 25.74 -8.62
CA PRO C 281 -3.11 25.84 -10.08
C PRO C 281 -2.00 26.73 -10.61
N ALA C 282 -1.64 26.56 -11.89
CA ALA C 282 -0.56 27.35 -12.47
C ALA C 282 -0.88 28.84 -12.50
N SER C 283 -2.13 29.20 -12.70
CA SER C 283 -2.54 30.61 -12.83
C SER C 283 -2.16 31.40 -11.58
N LEU C 284 -2.31 30.76 -10.42
CA LEU C 284 -1.90 31.35 -9.16
C LEU C 284 -0.40 31.23 -8.97
N TRP C 285 0.18 30.13 -9.45
CA TRP C 285 1.62 29.91 -9.33
C TRP C 285 2.39 31.00 -10.09
N ARG C 286 1.83 31.43 -11.22
CA ARG C 286 2.44 32.47 -12.03
C ARG C 286 2.52 33.79 -11.28
N LYS C 287 1.52 34.06 -10.46
CA LYS C 287 1.51 35.26 -9.63
C LYS C 287 2.45 35.16 -8.44
N ALA C 288 2.56 33.95 -7.89
CA ALA C 288 3.36 33.71 -6.70
C ALA C 288 4.83 33.94 -6.99
N VAL C 289 5.25 33.66 -8.23
CA VAL C 289 6.66 33.81 -8.60
C VAL C 289 7.01 35.28 -8.87
N CYS C 290 6.03 36.16 -8.85
CA CYS C 290 6.31 37.60 -8.93
C CYS C 290 6.55 38.19 -7.56
N LEU C 291 6.30 37.41 -6.51
CA LEU C 291 6.39 37.94 -5.15
C LEU C 291 7.80 38.40 -4.72
N PRO C 292 8.85 37.60 -4.99
CA PRO C 292 10.17 38.10 -4.58
C PRO C 292 10.55 39.41 -5.25
N SER C 293 10.29 39.55 -6.54
CA SER C 293 10.64 40.77 -7.25
C SER C 293 9.80 41.93 -6.73
N ILE C 294 8.52 41.66 -6.45
CA ILE C 294 7.63 42.69 -5.92
C ILE C 294 8.04 43.13 -4.52
N LEU C 295 8.31 42.18 -3.65
CA LEU C 295 8.71 42.47 -2.27
C LEU C 295 10.05 43.17 -2.20
N TYR C 296 10.93 42.84 -3.15
CA TYR C 296 12.22 43.50 -3.27
C TYR C 296 12.03 44.97 -3.58
N ARG C 297 11.10 45.25 -4.48
CA ARG C 297 10.83 46.61 -4.89
C ARG C 297 10.32 47.46 -3.72
N LEU C 298 9.55 46.86 -2.82
CA LEU C 298 8.98 47.59 -1.69
C LEU C 298 9.99 47.97 -0.61
N HIS C 299 10.96 47.11 -0.36
CA HIS C 299 11.95 47.41 0.66
C HIS C 299 12.99 48.40 0.18
N CYS C 300 13.40 48.25 -1.08
CA CYS C 300 14.46 49.08 -1.62
C CYS C 300 13.86 50.28 -2.34
N GLN D 3 -64.78 -27.22 -40.30
CA GLN D 3 -63.86 -27.83 -39.35
C GLN D 3 -62.81 -28.66 -40.04
N PRO D 4 -61.55 -28.19 -40.00
CA PRO D 4 -60.42 -28.90 -40.61
C PRO D 4 -60.04 -30.15 -39.82
N CYS D 5 -60.65 -31.29 -40.15
CA CYS D 5 -60.37 -32.53 -39.44
C CYS D 5 -59.52 -33.46 -40.29
N TYR D 6 -58.59 -34.13 -39.64
CA TYR D 6 -57.73 -35.12 -40.29
C TYR D 6 -57.61 -36.39 -39.45
N LEU D 7 -57.85 -37.54 -40.06
CA LEU D 7 -57.74 -38.80 -39.32
C LEU D 7 -56.52 -39.58 -39.78
N TYR D 8 -55.50 -39.67 -38.94
CA TYR D 8 -54.34 -40.48 -39.26
C TYR D 8 -54.44 -41.81 -38.51
N VAL D 9 -53.98 -42.88 -39.13
CA VAL D 9 -53.90 -44.16 -38.46
C VAL D 9 -52.45 -44.45 -38.10
N ILE D 10 -52.22 -45.13 -36.98
CA ILE D 10 -50.85 -45.54 -36.67
C ILE D 10 -50.68 -47.00 -37.04
N GLY D 11 -49.97 -47.23 -38.14
CA GLY D 11 -49.71 -48.57 -38.60
C GLY D 11 -48.70 -49.26 -37.71
N MET D 12 -49.05 -50.44 -37.24
CA MET D 12 -48.09 -51.25 -36.49
C MET D 12 -47.96 -52.62 -37.11
N VAL D 13 -46.74 -52.93 -37.54
CA VAL D 13 -46.43 -54.22 -38.15
C VAL D 13 -45.13 -54.72 -37.53
N LEU D 14 -45.06 -56.00 -37.18
CA LEU D 14 -43.84 -56.52 -36.60
C LEU D 14 -42.94 -57.03 -37.72
N THR D 15 -41.93 -56.25 -38.06
CA THR D 15 -41.06 -56.55 -39.20
C THR D 15 -39.89 -57.49 -38.86
N THR D 16 -39.41 -57.42 -37.63
CA THR D 16 -38.34 -58.31 -37.14
C THR D 16 -38.76 -58.94 -35.84
N PRO D 17 -39.43 -60.10 -35.91
CA PRO D 17 -39.78 -60.78 -34.67
C PRO D 17 -38.53 -61.25 -33.93
N LEU D 18 -38.69 -61.52 -32.64
CA LEU D 18 -37.61 -62.02 -31.79
C LEU D 18 -36.96 -63.29 -32.34
N PRO D 19 -35.62 -63.30 -32.48
CA PRO D 19 -34.75 -64.25 -33.18
C PRO D 19 -34.60 -65.67 -32.58
N ASP D 20 -35.18 -65.95 -31.40
CA ASP D 20 -35.13 -67.27 -30.76
C ASP D 20 -33.78 -67.57 -30.13
N GLU D 21 -32.86 -66.63 -30.25
CA GLU D 21 -31.60 -66.66 -29.53
C GLU D 21 -31.74 -65.66 -28.37
N LEU D 22 -32.14 -64.43 -28.70
CA LEU D 22 -32.48 -63.44 -27.68
C LEU D 22 -33.63 -63.93 -26.81
N ASN D 23 -34.47 -64.80 -27.36
CA ASN D 23 -35.55 -65.37 -26.58
C ASN D 23 -35.17 -66.76 -26.09
N PHE D 24 -34.74 -66.82 -24.84
CA PHE D 24 -34.34 -68.09 -24.24
C PHE D 24 -35.56 -68.84 -23.69
N ARG D 25 -36.49 -68.11 -23.08
CA ARG D 25 -37.62 -68.74 -22.38
C ARG D 25 -38.73 -69.19 -23.32
N ARG D 26 -38.56 -68.93 -24.62
CA ARG D 26 -39.54 -69.28 -25.64
C ARG D 26 -40.89 -68.68 -25.28
N ARG D 27 -40.86 -67.42 -24.89
CA ARG D 27 -42.04 -66.65 -24.54
C ARG D 27 -42.89 -66.35 -25.77
N LYS D 28 -44.19 -66.18 -25.57
CA LYS D 28 -45.11 -65.90 -26.66
C LYS D 28 -44.81 -64.57 -27.36
N LEU D 29 -44.98 -64.54 -28.68
CA LEU D 29 -44.86 -63.30 -29.43
C LEU D 29 -46.24 -62.77 -29.79
N TYR D 30 -46.40 -61.45 -29.72
CA TYR D 30 -47.70 -60.83 -29.95
C TYR D 30 -47.65 -59.78 -31.05
N PRO D 31 -47.73 -60.22 -32.31
CA PRO D 31 -47.71 -59.27 -33.44
C PRO D 31 -48.89 -58.31 -33.39
N PRO D 32 -48.63 -57.01 -33.65
CA PRO D 32 -49.68 -55.99 -33.63
C PRO D 32 -50.67 -56.21 -34.77
N GLU D 33 -50.19 -56.78 -35.86
CA GLU D 33 -51.02 -57.01 -37.03
C GLU D 33 -52.07 -58.09 -36.83
N ASP D 34 -51.94 -58.87 -35.76
CA ASP D 34 -52.88 -59.93 -35.46
C ASP D 34 -54.19 -59.39 -34.88
N THR D 35 -54.21 -58.08 -34.63
CA THR D 35 -55.36 -57.44 -34.01
C THR D 35 -55.80 -56.27 -34.88
N THR D 36 -57.11 -56.14 -35.09
CA THR D 36 -57.62 -55.15 -36.02
C THR D 36 -57.69 -53.78 -35.36
N ARG D 37 -57.79 -53.78 -34.04
CA ARG D 37 -57.88 -52.53 -33.30
C ARG D 37 -56.55 -51.79 -33.28
N CYS D 38 -56.57 -50.55 -33.74
CA CYS D 38 -55.36 -49.76 -33.86
C CYS D 38 -55.56 -48.46 -33.11
N PHE D 39 -54.60 -47.56 -33.23
CA PHE D 39 -54.76 -46.24 -32.65
C PHE D 39 -54.62 -45.21 -33.75
N GLY D 40 -55.48 -44.20 -33.71
CA GLY D 40 -55.37 -43.12 -34.66
C GLY D 40 -55.09 -41.80 -33.98
N ILE D 41 -54.66 -40.83 -34.77
CA ILE D 41 -54.51 -39.47 -34.27
C ILE D 41 -55.59 -38.60 -34.92
N LEU D 42 -56.18 -37.68 -34.16
CA LEU D 42 -57.15 -36.74 -34.72
C LEU D 42 -56.59 -35.31 -34.62
N THR D 43 -56.61 -34.57 -35.73
CA THR D 43 -55.99 -33.23 -35.75
C THR D 43 -56.82 -32.09 -36.34
N ALA D 44 -56.33 -30.87 -36.12
CA ALA D 44 -56.87 -29.67 -36.75
C ALA D 44 -55.94 -29.30 -37.91
N LYS D 45 -54.72 -28.90 -37.57
CA LYS D 45 -53.63 -28.73 -38.54
C LYS D 45 -53.06 -30.10 -38.94
N PRO D 46 -52.73 -30.29 -40.22
CA PRO D 46 -52.19 -31.57 -40.71
C PRO D 46 -50.79 -31.89 -40.18
N ILE D 47 -50.25 -33.05 -40.58
CA ILE D 47 -48.97 -33.53 -40.09
C ILE D 47 -47.81 -33.33 -41.06
N PRO D 48 -46.71 -32.74 -40.57
CA PRO D 48 -45.47 -32.63 -41.36
C PRO D 48 -44.98 -34.05 -41.60
N GLN D 49 -45.47 -34.71 -42.65
CA GLN D 49 -45.45 -36.17 -42.74
C GLN D 49 -44.08 -36.77 -42.45
N ILE D 50 -44.14 -37.76 -41.57
CA ILE D 50 -42.99 -38.38 -40.94
C ILE D 50 -42.60 -39.71 -41.62
N PRO D 51 -41.30 -39.91 -41.85
CA PRO D 51 -40.82 -41.19 -42.38
C PRO D 51 -41.09 -42.34 -41.40
N HIS D 52 -41.24 -43.55 -41.91
CA HIS D 52 -41.45 -44.72 -41.05
C HIS D 52 -40.23 -44.99 -40.18
N PHE D 53 -40.47 -45.28 -38.90
CA PHE D 53 -39.41 -45.51 -37.91
C PHE D 53 -39.69 -46.76 -37.08
N PRO D 54 -38.64 -47.43 -36.58
CA PRO D 54 -38.83 -48.58 -35.68
C PRO D 54 -39.12 -48.21 -34.22
N VAL D 55 -39.94 -49.02 -33.54
CA VAL D 55 -39.96 -49.06 -32.07
C VAL D 55 -39.76 -50.50 -31.64
N TYR D 56 -38.99 -50.71 -30.58
CA TYR D 56 -38.61 -52.05 -30.19
C TYR D 56 -39.39 -52.50 -28.95
N THR D 57 -40.26 -53.49 -29.14
CA THR D 57 -41.13 -53.98 -28.10
C THR D 57 -40.63 -55.33 -27.59
N ARG D 58 -41.37 -55.92 -26.66
CA ARG D 58 -41.03 -57.24 -26.15
C ARG D 58 -41.00 -58.28 -27.24
N SER D 59 -41.87 -58.12 -28.23
CA SER D 59 -42.03 -59.14 -29.27
C SER D 59 -41.03 -59.01 -30.45
N GLY D 60 -40.37 -57.87 -30.58
CA GLY D 60 -39.39 -57.70 -31.64
C GLY D 60 -39.35 -56.27 -32.16
N GLU D 61 -38.79 -56.07 -33.35
CA GLU D 61 -38.83 -54.75 -33.99
C GLU D 61 -40.17 -54.51 -34.67
N VAL D 62 -40.83 -53.41 -34.32
CA VAL D 62 -42.11 -53.03 -34.91
C VAL D 62 -42.00 -51.74 -35.73
N THR D 63 -42.34 -51.80 -37.00
CA THR D 63 -42.26 -50.60 -37.84
C THR D 63 -43.53 -49.78 -37.71
N ILE D 64 -43.35 -48.48 -37.50
CA ILE D 64 -44.46 -47.57 -37.29
C ILE D 64 -44.72 -46.74 -38.55
N SER D 65 -45.96 -46.77 -39.01
CA SER D 65 -46.36 -46.00 -40.18
C SER D 65 -47.52 -45.09 -39.82
N ILE D 66 -47.27 -43.78 -39.87
CA ILE D 66 -48.37 -42.84 -39.69
C ILE D 66 -48.90 -42.50 -41.07
N GLU D 67 -50.08 -43.01 -41.38
CA GLU D 67 -50.68 -42.85 -42.70
C GLU D 67 -52.04 -42.19 -42.58
N LEU D 68 -52.41 -41.38 -43.57
CA LEU D 68 -53.68 -40.67 -43.52
C LEU D 68 -54.84 -41.54 -44.01
N LYS D 69 -55.77 -41.84 -43.12
CA LYS D 69 -56.93 -42.66 -43.45
C LYS D 69 -58.10 -41.84 -44.01
N LYS D 70 -58.39 -40.70 -43.39
CA LYS D 70 -59.50 -39.82 -43.79
C LYS D 70 -59.14 -38.34 -43.68
N SER D 71 -59.57 -37.52 -44.65
CA SER D 71 -59.22 -36.10 -44.65
C SER D 71 -60.36 -35.17 -45.07
N GLY D 72 -60.36 -33.95 -44.52
CA GLY D 72 -61.27 -32.89 -44.94
C GLY D 72 -62.68 -32.85 -44.36
N PHE D 73 -63.07 -33.91 -43.66
CA PHE D 73 -64.43 -34.04 -43.13
C PHE D 73 -64.67 -33.19 -41.88
N MET D 74 -65.90 -33.20 -41.38
CA MET D 74 -66.27 -32.47 -40.17
C MET D 74 -66.96 -33.36 -39.15
N LEU D 75 -66.75 -33.07 -37.87
CA LEU D 75 -67.39 -33.79 -36.78
C LEU D 75 -68.02 -32.82 -35.77
N SER D 76 -69.28 -33.05 -35.43
CA SER D 76 -70.01 -32.25 -34.44
C SER D 76 -69.21 -32.06 -33.15
N LEU D 77 -69.33 -30.89 -32.54
CA LEU D 77 -68.65 -30.56 -31.29
C LEU D 77 -68.92 -31.55 -30.15
N GLN D 78 -70.13 -32.08 -30.07
CA GLN D 78 -70.48 -33.02 -29.00
C GLN D 78 -69.63 -34.30 -29.03
N MET D 79 -69.28 -34.77 -30.23
CA MET D 79 -68.41 -35.94 -30.39
C MET D 79 -66.95 -35.64 -30.08
N LEU D 80 -66.52 -34.42 -30.42
CA LEU D 80 -65.16 -33.98 -30.16
C LEU D 80 -64.89 -34.06 -28.67
N GLU D 81 -65.95 -33.88 -27.91
CA GLU D 81 -65.89 -33.99 -26.46
C GLU D 81 -65.77 -35.47 -26.08
N LEU D 82 -66.57 -36.30 -26.74
CA LEU D 82 -66.56 -37.75 -26.51
C LEU D 82 -65.23 -38.44 -26.85
N ILE D 83 -64.66 -38.13 -28.01
CA ILE D 83 -63.38 -38.71 -28.42
C ILE D 83 -62.27 -38.28 -27.45
N THR D 84 -62.37 -37.04 -26.98
CA THR D 84 -61.39 -36.49 -26.04
C THR D 84 -61.42 -37.25 -24.71
N ARG D 85 -62.59 -37.70 -24.31
CA ARG D 85 -62.72 -38.49 -23.09
C ARG D 85 -61.98 -39.83 -23.20
N LEU D 86 -61.90 -40.38 -24.41
CA LEU D 86 -61.09 -41.58 -24.63
C LEU D 86 -59.61 -41.22 -24.55
N HIS D 87 -59.24 -40.09 -25.16
CA HIS D 87 -57.89 -39.57 -25.09
C HIS D 87 -57.46 -39.25 -23.65
N GLN D 88 -58.41 -38.75 -22.87
CA GLN D 88 -58.15 -38.44 -21.47
C GLN D 88 -57.83 -39.72 -20.70
N TYR D 89 -58.76 -40.68 -20.80
CA TYR D 89 -58.66 -41.99 -20.15
C TYR D 89 -57.34 -42.72 -20.36
N ILE D 90 -56.87 -42.70 -21.61
CA ILE D 90 -55.59 -43.32 -21.99
C ILE D 90 -54.37 -42.72 -21.26
N PHE D 91 -54.24 -41.40 -21.27
CA PHE D 91 -53.03 -40.79 -20.73
C PHE D 91 -53.00 -40.64 -19.21
N SER D 92 -54.15 -40.52 -18.56
CA SER D 92 -54.19 -40.38 -17.10
C SER D 92 -54.42 -41.72 -16.39
N HIS D 93 -55.55 -42.36 -16.66
CA HIS D 93 -55.93 -43.59 -15.99
C HIS D 93 -55.20 -44.85 -16.49
N ILE D 94 -54.89 -44.89 -17.78
CA ILE D 94 -54.21 -46.04 -18.38
C ILE D 94 -52.68 -46.00 -18.35
N LEU D 95 -52.07 -44.94 -18.88
CA LEU D 95 -50.62 -44.85 -18.95
C LEU D 95 -49.93 -44.02 -17.87
N ARG D 96 -50.11 -42.70 -17.89
CA ARG D 96 -49.37 -41.87 -16.94
C ARG D 96 -50.19 -41.61 -15.69
N TYR D 113 -54.63 -33.48 -32.76
CA TYR D 113 -53.91 -33.30 -31.52
C TYR D 113 -54.17 -34.49 -30.57
N CYS D 114 -55.42 -34.94 -30.45
CA CYS D 114 -55.73 -36.09 -29.58
C CYS D 114 -55.66 -37.47 -30.26
N VAL D 115 -55.79 -38.50 -29.42
CA VAL D 115 -55.69 -39.93 -29.78
C VAL D 115 -56.94 -40.78 -29.54
N LEU D 116 -57.32 -41.58 -30.55
CA LEU D 116 -58.54 -42.37 -30.49
C LEU D 116 -58.32 -43.78 -31.10
N PRO D 117 -59.06 -44.79 -30.60
CA PRO D 117 -59.01 -46.17 -31.12
C PRO D 117 -59.75 -46.37 -32.45
N LEU D 118 -59.23 -47.21 -33.34
CA LEU D 118 -59.91 -47.48 -34.60
C LEU D 118 -60.13 -48.99 -34.78
N ASN D 119 -61.19 -49.35 -35.50
CA ASN D 119 -61.47 -50.75 -35.83
C ASN D 119 -62.16 -50.85 -37.21
N VAL D 120 -62.43 -52.09 -37.64
CA VAL D 120 -63.07 -52.33 -38.93
C VAL D 120 -64.56 -52.62 -38.74
N SER D 125 -63.53 -53.46 -44.89
CA SER D 125 -62.10 -53.63 -45.14
C SER D 125 -61.34 -52.31 -44.97
N THR D 126 -62.02 -51.32 -44.39
CA THR D 126 -61.40 -50.02 -44.11
C THR D 126 -61.57 -49.66 -42.62
N LEU D 127 -60.71 -48.78 -42.12
CA LEU D 127 -60.70 -48.47 -40.69
C LEU D 127 -61.53 -47.22 -40.37
N ASP D 128 -62.37 -47.31 -39.35
CA ASP D 128 -63.18 -46.17 -38.95
C ASP D 128 -63.11 -46.09 -37.42
N ILE D 129 -63.56 -44.99 -36.82
CA ILE D 129 -63.53 -44.86 -35.36
C ILE D 129 -64.27 -46.01 -34.72
N ASP D 130 -63.70 -46.61 -33.67
CA ASP D 130 -64.41 -47.71 -33.03
C ASP D 130 -65.50 -47.09 -32.17
N PHE D 131 -66.76 -47.35 -32.50
CA PHE D 131 -67.88 -46.76 -31.78
C PHE D 131 -68.25 -47.53 -30.52
N LYS D 132 -68.26 -48.85 -30.63
CA LYS D 132 -68.64 -49.74 -29.53
C LYS D 132 -67.49 -50.00 -28.57
N PHE D 133 -66.35 -49.36 -28.79
CA PHE D 133 -65.24 -49.42 -27.86
C PHE D 133 -65.54 -48.51 -26.69
N MET D 134 -66.02 -47.31 -27.00
CA MET D 134 -66.39 -46.35 -25.98
C MET D 134 -67.40 -46.98 -25.01
N GLU D 135 -68.34 -47.76 -25.53
CA GLU D 135 -69.35 -48.44 -24.70
C GLU D 135 -68.84 -49.69 -23.98
N ASP D 136 -67.58 -50.05 -24.18
CA ASP D 136 -66.96 -51.11 -23.38
C ASP D 136 -66.50 -50.47 -22.09
N ILE D 137 -65.89 -49.30 -22.24
CA ILE D 137 -65.40 -48.50 -21.13
C ILE D 137 -66.52 -48.07 -20.19
N GLU D 138 -67.63 -47.60 -20.75
CA GLU D 138 -68.73 -47.10 -19.92
C GLU D 138 -69.62 -48.20 -19.36
N LYS D 139 -69.25 -49.45 -19.60
CA LYS D 139 -69.86 -50.59 -18.93
C LYS D 139 -69.13 -50.83 -17.63
N SER D 140 -67.86 -50.43 -17.59
CA SER D 140 -67.11 -50.50 -16.34
C SER D 140 -67.31 -49.27 -15.46
N GLU D 141 -67.93 -49.54 -14.31
CA GLU D 141 -68.24 -48.56 -13.28
C GLU D 141 -67.23 -48.59 -12.14
N LYS D 150 -68.23 -54.41 -9.18
CA LYS D 150 -68.33 -54.60 -7.74
C LYS D 150 -67.79 -55.95 -7.33
N TYR D 151 -68.15 -56.38 -6.13
CA TYR D 151 -67.80 -57.70 -5.64
C TYR D 151 -69.02 -58.59 -5.74
N THR D 152 -68.92 -59.64 -6.54
CA THR D 152 -70.06 -60.52 -6.75
C THR D 152 -70.14 -61.43 -5.54
N LYS D 153 -68.97 -61.68 -4.96
CA LYS D 153 -68.82 -62.50 -3.77
C LYS D 153 -69.62 -63.78 -4.00
N GLU D 154 -70.48 -64.02 -3.01
CA GLU D 154 -71.35 -65.17 -2.78
C GLU D 154 -70.58 -66.46 -2.51
N THR D 155 -71.24 -67.59 -2.72
CA THR D 155 -70.57 -68.90 -2.71
C THR D 155 -69.82 -69.21 -4.01
N PRO D 156 -70.50 -69.16 -5.16
CA PRO D 156 -69.73 -69.75 -6.25
C PRO D 156 -68.71 -68.78 -6.85
N PHE D 157 -67.67 -69.37 -7.42
CA PHE D 157 -66.80 -68.68 -8.36
C PHE D 157 -66.43 -69.72 -9.39
N VAL D 158 -66.53 -69.35 -10.65
CA VAL D 158 -66.17 -70.26 -11.72
C VAL D 158 -65.07 -69.66 -12.56
N PHE D 159 -64.06 -70.48 -12.85
CA PHE D 159 -62.96 -70.04 -13.68
C PHE D 159 -63.28 -70.39 -15.12
N LYS D 160 -63.43 -69.36 -15.95
CA LYS D 160 -63.66 -69.57 -17.37
C LYS D 160 -62.38 -69.25 -18.11
N LEU D 161 -61.75 -70.31 -18.63
CA LEU D 161 -60.43 -70.23 -19.25
C LEU D 161 -60.35 -69.22 -20.38
N GLU D 162 -61.42 -69.07 -21.15
CA GLU D 162 -61.40 -68.19 -22.30
C GLU D 162 -61.51 -66.72 -21.91
N ASP D 163 -61.85 -66.46 -20.66
CA ASP D 163 -61.91 -65.09 -20.16
C ASP D 163 -60.50 -64.53 -20.03
N TYR D 164 -59.61 -65.36 -19.52
CA TYR D 164 -58.25 -64.96 -19.16
C TYR D 164 -57.22 -65.18 -20.27
N GLN D 165 -57.69 -65.62 -21.45
CA GLN D 165 -56.81 -65.93 -22.56
C GLN D 165 -56.04 -64.69 -23.00
N ASP D 166 -56.77 -63.65 -23.38
CA ASP D 166 -56.19 -62.34 -23.63
C ASP D 166 -56.74 -61.35 -22.62
N ALA D 167 -55.92 -60.97 -21.64
CA ALA D 167 -56.45 -60.24 -20.49
C ALA D 167 -55.44 -59.36 -19.78
N VAL D 168 -55.94 -58.29 -19.17
CA VAL D 168 -55.18 -57.53 -18.20
C VAL D 168 -55.90 -57.68 -16.87
N ILE D 169 -55.18 -58.13 -15.85
CA ILE D 169 -55.81 -58.35 -14.55
C ILE D 169 -55.20 -57.41 -13.52
N ILE D 170 -56.03 -56.97 -12.57
CA ILE D 170 -55.55 -56.17 -11.46
C ILE D 170 -56.02 -56.82 -10.14
N PRO D 171 -55.14 -56.85 -9.13
CA PRO D 171 -55.53 -57.41 -7.83
C PRO D 171 -56.54 -56.52 -7.08
N ARG D 172 -57.60 -57.15 -6.59
CA ARG D 172 -58.72 -56.44 -5.97
C ARG D 172 -58.45 -56.15 -4.49
N TYR D 173 -57.46 -56.83 -3.93
CA TYR D 173 -57.22 -56.80 -2.49
C TYR D 173 -56.13 -55.82 -2.01
N ARG D 174 -55.50 -55.10 -2.92
CA ARG D 174 -54.42 -54.22 -2.52
C ARG D 174 -54.19 -53.06 -3.50
N ASN D 175 -53.48 -52.04 -3.03
CA ASN D 175 -53.21 -50.84 -3.81
C ASN D 175 -54.46 -50.25 -4.46
N PHE D 176 -55.41 -49.84 -3.62
CA PHE D 176 -56.66 -49.29 -4.12
C PHE D 176 -56.42 -47.92 -4.76
N ASP D 177 -55.43 -47.20 -4.25
CA ASP D 177 -55.00 -45.92 -4.82
C ASP D 177 -54.71 -46.01 -6.32
N GLN D 178 -53.70 -46.80 -6.65
CA GLN D 178 -53.26 -47.04 -8.03
C GLN D 178 -53.07 -48.53 -8.23
N PRO D 179 -54.15 -49.24 -8.59
CA PRO D 179 -54.14 -50.69 -8.73
C PRO D 179 -53.08 -51.13 -9.72
N HIS D 180 -52.35 -52.20 -9.38
CA HIS D 180 -51.32 -52.71 -10.27
C HIS D 180 -51.95 -53.55 -11.36
N ARG D 181 -51.44 -53.43 -12.59
CA ARG D 181 -51.97 -54.20 -13.72
C ARG D 181 -50.93 -55.08 -14.39
N PHE D 182 -51.37 -56.28 -14.79
CA PHE D 182 -50.50 -57.27 -15.41
C PHE D 182 -51.12 -57.91 -16.65
N TYR D 183 -50.27 -58.26 -17.61
CA TYR D 183 -50.65 -59.19 -18.66
C TYR D 183 -50.74 -60.58 -18.05
N VAL D 184 -51.55 -61.46 -18.63
CA VAL D 184 -51.52 -62.85 -18.16
C VAL D 184 -50.47 -63.57 -18.99
N ALA D 185 -49.37 -63.92 -18.35
CA ALA D 185 -48.24 -64.50 -19.05
C ALA D 185 -48.43 -65.98 -19.24
N ASP D 186 -48.94 -66.64 -18.21
CA ASP D 186 -49.14 -68.07 -18.29
C ASP D 186 -50.29 -68.47 -17.40
N VAL D 187 -50.97 -69.54 -17.77
CA VAL D 187 -51.98 -70.14 -16.94
C VAL D 187 -51.47 -71.50 -16.48
N TYR D 188 -51.25 -71.64 -15.18
CA TYR D 188 -50.72 -72.88 -14.67
C TYR D 188 -51.93 -73.73 -14.35
N THR D 189 -52.20 -74.72 -15.19
CA THR D 189 -53.48 -75.41 -15.13
C THR D 189 -53.45 -76.48 -14.05
N ASP D 190 -52.28 -77.04 -13.81
CA ASP D 190 -52.11 -78.08 -12.80
C ASP D 190 -51.90 -77.49 -11.41
N LEU D 191 -51.69 -76.19 -11.32
CA LEU D 191 -51.51 -75.54 -10.02
C LEU D 191 -52.87 -75.10 -9.49
N THR D 192 -52.86 -74.62 -8.24
CA THR D 192 -54.10 -74.46 -7.47
C THR D 192 -53.78 -73.72 -6.16
N PRO D 193 -54.78 -73.03 -5.57
CA PRO D 193 -54.53 -72.26 -4.35
C PRO D 193 -54.00 -73.07 -3.16
N LEU D 194 -54.13 -74.39 -3.22
CA LEU D 194 -53.63 -75.24 -2.15
C LEU D 194 -52.19 -75.72 -2.43
N SER D 195 -51.60 -75.23 -3.52
CA SER D 195 -50.20 -75.53 -3.87
C SER D 195 -49.23 -74.88 -2.90
N LYS D 196 -48.00 -75.36 -2.88
CA LYS D 196 -47.03 -74.82 -1.94
C LYS D 196 -46.64 -73.39 -2.29
N PHE D 197 -46.83 -72.50 -1.34
CA PHE D 197 -46.42 -71.11 -1.46
C PHE D 197 -44.90 -71.04 -1.59
N PRO D 198 -44.39 -70.16 -2.47
CA PRO D 198 -42.94 -70.06 -2.72
C PRO D 198 -42.16 -69.58 -1.51
N SER D 199 -42.82 -68.78 -0.67
CA SER D 199 -42.19 -68.22 0.51
C SER D 199 -42.44 -69.11 1.74
N PRO D 200 -41.43 -69.25 2.61
CA PRO D 200 -41.46 -70.22 3.71
C PRO D 200 -42.52 -69.93 4.78
N GLU D 201 -42.86 -68.66 4.98
CA GLU D 201 -43.72 -68.26 6.09
C GLU D 201 -45.15 -68.74 5.91
N TYR D 202 -45.49 -69.20 4.72
CA TYR D 202 -46.85 -69.61 4.40
C TYR D 202 -46.81 -70.97 3.70
N GLU D 203 -47.75 -71.84 4.04
CA GLU D 203 -47.83 -73.18 3.46
C GLU D 203 -48.46 -73.17 2.07
N THR D 204 -49.60 -72.50 1.92
CA THR D 204 -50.33 -72.51 0.66
C THR D 204 -50.72 -71.09 0.23
N PHE D 205 -51.05 -70.91 -1.05
CA PHE D 205 -51.55 -69.62 -1.53
C PHE D 205 -52.80 -69.22 -0.77
N ALA D 206 -53.67 -70.21 -0.54
CA ALA D 206 -54.90 -70.00 0.20
C ALA D 206 -54.64 -69.45 1.59
N GLU D 207 -53.64 -70.01 2.27
CA GLU D 207 -53.30 -69.56 3.61
C GLU D 207 -52.70 -68.15 3.57
N TYR D 208 -51.85 -67.90 2.58
CA TYR D 208 -51.22 -66.59 2.43
C TYR D 208 -52.27 -65.48 2.30
N TYR D 209 -53.26 -65.71 1.45
CA TYR D 209 -54.28 -64.69 1.19
C TYR D 209 -55.28 -64.58 2.35
N LYS D 210 -55.43 -65.68 3.09
CA LYS D 210 -56.27 -65.71 4.28
C LYS D 210 -55.61 -64.97 5.43
N THR D 211 -54.34 -65.29 5.67
CA THR D 211 -53.59 -64.74 6.80
C THR D 211 -53.30 -63.25 6.69
N LYS D 212 -52.72 -62.85 5.56
CA LYS D 212 -52.26 -61.48 5.37
C LYS D 212 -53.43 -60.54 5.08
N TYR D 213 -54.27 -60.93 4.12
CA TYR D 213 -55.37 -60.07 3.67
C TYR D 213 -56.74 -60.38 4.24
N ASN D 214 -56.83 -61.44 5.06
CA ASN D 214 -58.11 -61.95 5.56
C ASN D 214 -59.11 -62.18 4.44
N LEU D 215 -58.68 -62.86 3.38
CA LEU D 215 -59.55 -63.12 2.25
C LEU D 215 -59.91 -64.58 2.18
N ASP D 216 -61.19 -64.87 1.95
CA ASP D 216 -61.64 -66.26 1.90
C ASP D 216 -61.92 -66.68 0.46
N LEU D 217 -61.38 -67.81 0.06
CA LEU D 217 -61.60 -68.27 -1.31
C LEU D 217 -62.76 -69.25 -1.35
N THR D 218 -63.66 -69.01 -2.28
CA THR D 218 -64.83 -69.84 -2.45
C THR D 218 -64.54 -70.99 -3.42
N ASN D 219 -63.45 -70.89 -4.15
CA ASN D 219 -63.07 -71.90 -5.13
C ASN D 219 -61.63 -72.36 -4.92
N LEU D 220 -61.44 -73.60 -4.51
CA LEU D 220 -60.08 -74.09 -4.30
C LEU D 220 -59.53 -74.91 -5.47
N ASN D 221 -60.30 -75.05 -6.56
CA ASN D 221 -59.82 -75.80 -7.73
C ASN D 221 -59.26 -74.97 -8.88
N GLN D 222 -59.30 -73.65 -8.78
CA GLN D 222 -58.93 -72.80 -9.89
C GLN D 222 -57.42 -72.84 -10.20
N PRO D 223 -57.06 -72.68 -11.47
CA PRO D 223 -55.63 -72.59 -11.78
C PRO D 223 -55.04 -71.28 -11.28
N LEU D 224 -53.74 -71.10 -11.48
CA LEU D 224 -53.06 -69.91 -11.05
C LEU D 224 -52.45 -69.18 -12.23
N LEU D 225 -52.18 -67.90 -12.05
CA LEU D 225 -51.72 -67.08 -13.16
C LEU D 225 -50.30 -66.55 -12.97
N ASP D 226 -49.51 -66.69 -14.03
CA ASP D 226 -48.21 -66.05 -14.16
C ASP D 226 -48.44 -64.63 -14.70
N VAL D 227 -47.60 -63.68 -14.33
CA VAL D 227 -47.86 -62.32 -14.78
C VAL D 227 -46.67 -61.67 -15.47
N ASP D 228 -46.96 -60.54 -16.13
CA ASP D 228 -45.94 -59.71 -16.76
C ASP D 228 -46.30 -58.23 -16.56
N HIS D 229 -45.31 -57.37 -16.61
CA HIS D 229 -45.52 -55.93 -16.51
C HIS D 229 -44.45 -55.23 -17.34
N THR D 230 -44.85 -54.15 -18.02
CA THR D 230 -43.99 -53.37 -18.92
C THR D 230 -43.59 -51.99 -18.41
N SER D 231 -44.62 -51.21 -18.11
CA SER D 231 -44.51 -49.91 -17.47
C SER D 231 -44.09 -48.69 -18.31
N SER D 232 -44.54 -48.61 -19.56
CA SER D 232 -44.24 -47.44 -20.39
C SER D 232 -42.76 -47.04 -20.46
N ARG D 233 -41.90 -47.99 -20.82
CA ARG D 233 -40.48 -47.70 -20.99
C ARG D 233 -40.28 -47.13 -22.39
N LEU D 234 -39.08 -46.67 -22.71
CA LEU D 234 -38.87 -46.10 -24.05
C LEU D 234 -38.40 -47.18 -25.01
N ASN D 235 -39.16 -47.32 -26.09
CA ASN D 235 -38.94 -48.32 -27.12
C ASN D 235 -38.18 -47.82 -28.35
N LEU D 236 -37.75 -46.56 -28.34
CA LEU D 236 -37.12 -45.95 -29.51
C LEU D 236 -35.71 -46.50 -29.75
N LEU D 237 -35.05 -46.88 -28.67
CA LEU D 237 -33.76 -47.54 -28.71
C LEU D 237 -34.05 -48.94 -28.21
N THR D 238 -33.03 -49.79 -28.14
CA THR D 238 -33.29 -51.13 -27.63
C THR D 238 -32.70 -51.37 -26.23
N PRO D 239 -33.32 -50.81 -25.19
CA PRO D 239 -33.04 -51.32 -23.86
C PRO D 239 -33.92 -52.55 -23.67
N ARG D 240 -33.59 -53.43 -22.75
CA ARG D 240 -34.31 -54.69 -22.51
C ARG D 240 -33.89 -55.78 -23.51
N HIS D 241 -32.99 -55.44 -24.43
CA HIS D 241 -32.56 -56.34 -25.50
C HIS D 241 -33.73 -56.89 -26.31
N SER D 252 -26.47 -48.62 -10.21
CA SER D 252 -26.30 -47.87 -8.98
C SER D 252 -27.01 -48.55 -7.79
N SER D 253 -27.33 -47.76 -6.78
CA SER D 253 -28.07 -48.22 -5.60
C SER D 253 -29.58 -47.97 -5.78
N ALA D 254 -29.94 -46.72 -5.98
CA ALA D 254 -31.35 -46.34 -6.14
C ALA D 254 -32.01 -47.06 -7.33
N GLU D 255 -31.22 -47.41 -8.34
CA GLU D 255 -31.74 -48.13 -9.51
C GLU D 255 -31.88 -49.63 -9.29
N LYS D 256 -31.00 -50.19 -8.45
CA LYS D 256 -31.03 -51.61 -8.09
C LYS D 256 -32.29 -52.04 -7.33
N ARG D 257 -32.91 -51.07 -6.65
CA ARG D 257 -34.12 -51.34 -5.87
C ARG D 257 -35.32 -51.52 -6.79
N LYS D 258 -35.28 -50.83 -7.92
CA LYS D 258 -36.31 -50.99 -8.95
C LYS D 258 -36.13 -52.33 -9.67
N ALA D 259 -34.88 -52.75 -9.81
CA ALA D 259 -34.56 -54.05 -10.40
C ALA D 259 -35.18 -55.21 -9.63
N LYS D 260 -35.00 -55.20 -8.32
CA LYS D 260 -35.55 -56.26 -7.50
C LYS D 260 -37.06 -56.21 -7.45
N TRP D 261 -37.65 -55.01 -7.41
CA TRP D 261 -39.09 -54.91 -7.33
C TRP D 261 -39.72 -55.44 -8.63
N GLU D 262 -39.20 -55.00 -9.77
CA GLU D 262 -39.71 -55.44 -11.07
C GLU D 262 -39.54 -56.95 -11.24
N SER D 263 -38.40 -57.48 -10.78
CA SER D 263 -38.14 -58.92 -10.87
C SER D 263 -39.13 -59.79 -10.11
N LEU D 264 -39.36 -59.46 -8.84
CA LEU D 264 -40.28 -60.21 -8.00
C LEU D 264 -41.71 -60.02 -8.49
N GLN D 265 -42.01 -58.83 -9.00
CA GLN D 265 -43.34 -58.50 -9.50
C GLN D 265 -43.74 -59.42 -10.64
N ASN D 266 -42.78 -59.72 -11.51
CA ASN D 266 -43.01 -60.60 -12.66
C ASN D 266 -42.98 -62.06 -12.31
N LYS D 267 -42.48 -62.38 -11.13
CA LYS D 267 -42.43 -63.76 -10.69
C LYS D 267 -43.65 -64.10 -9.85
N GLN D 268 -44.49 -63.10 -9.62
CA GLN D 268 -45.73 -63.30 -8.89
C GLN D 268 -46.63 -64.32 -9.56
N ILE D 269 -47.33 -65.08 -8.72
CA ILE D 269 -48.35 -66.02 -9.14
C ILE D 269 -49.69 -65.62 -8.50
N LEU D 270 -50.71 -65.37 -9.31
CA LEU D 270 -51.94 -64.78 -8.79
C LEU D 270 -53.14 -65.72 -8.85
N VAL D 271 -54.14 -65.41 -8.03
CA VAL D 271 -55.35 -66.20 -7.94
C VAL D 271 -56.45 -65.46 -8.69
N PRO D 272 -57.01 -66.09 -9.73
CA PRO D 272 -58.02 -65.50 -10.60
C PRO D 272 -59.20 -64.91 -9.84
N GLU D 273 -59.66 -65.61 -8.81
CA GLU D 273 -60.80 -65.19 -7.99
C GLU D 273 -60.56 -63.84 -7.28
N LEU D 274 -59.32 -63.60 -6.89
CA LEU D 274 -58.96 -62.39 -6.17
C LEU D 274 -58.54 -61.30 -7.14
N CYS D 275 -58.69 -61.58 -8.44
CA CYS D 275 -58.34 -60.62 -9.49
C CYS D 275 -59.53 -60.22 -10.37
N ALA D 276 -59.56 -58.95 -10.75
CA ALA D 276 -60.54 -58.41 -11.68
C ALA D 276 -59.95 -58.26 -13.09
N ILE D 277 -60.75 -58.54 -14.12
CA ILE D 277 -60.31 -58.36 -15.51
C ILE D 277 -60.61 -56.96 -16.03
N HIS D 278 -59.59 -56.29 -16.54
CA HIS D 278 -59.76 -54.95 -17.10
C HIS D 278 -60.51 -55.03 -18.42
N PRO D 279 -61.41 -54.07 -18.69
CA PRO D 279 -62.24 -54.05 -19.91
C PRO D 279 -61.43 -54.10 -21.20
N ILE D 280 -60.32 -53.38 -21.26
CA ILE D 280 -59.48 -53.35 -22.43
C ILE D 280 -58.61 -54.60 -22.53
N PRO D 281 -58.71 -55.32 -23.67
CA PRO D 281 -57.97 -56.56 -23.86
C PRO D 281 -56.46 -56.32 -23.88
N ALA D 282 -55.68 -57.37 -23.59
CA ALA D 282 -54.23 -57.24 -23.56
C ALA D 282 -53.67 -56.86 -24.91
N SER D 283 -54.28 -57.38 -25.98
CA SER D 283 -53.80 -57.16 -27.34
C SER D 283 -53.76 -55.68 -27.73
N LEU D 284 -54.76 -54.92 -27.29
CA LEU D 284 -54.80 -53.49 -27.55
C LEU D 284 -53.87 -52.74 -26.60
N TRP D 285 -53.74 -53.24 -25.37
CA TRP D 285 -52.89 -52.62 -24.37
C TRP D 285 -51.44 -52.59 -24.84
N ARG D 286 -51.02 -53.64 -25.54
CA ARG D 286 -49.66 -53.72 -26.07
C ARG D 286 -49.38 -52.61 -27.09
N LYS D 287 -50.42 -52.21 -27.82
CA LYS D 287 -50.31 -51.09 -28.75
C LYS D 287 -50.31 -49.74 -28.02
N ALA D 288 -51.05 -49.67 -26.91
CA ALA D 288 -51.16 -48.42 -26.17
C ALA D 288 -49.86 -47.98 -25.50
N VAL D 289 -49.02 -48.93 -25.09
CA VAL D 289 -47.78 -48.62 -24.39
C VAL D 289 -46.66 -48.19 -25.33
N CYS D 290 -46.90 -48.28 -26.64
CA CYS D 290 -45.94 -47.78 -27.62
C CYS D 290 -46.23 -46.30 -27.92
N LEU D 291 -47.35 -45.80 -27.42
CA LEU D 291 -47.78 -44.44 -27.71
C LEU D 291 -46.81 -43.38 -27.16
N PRO D 292 -46.35 -43.51 -25.91
CA PRO D 292 -45.41 -42.48 -25.45
C PRO D 292 -44.14 -42.41 -26.30
N SER D 293 -43.55 -43.54 -26.64
CA SER D 293 -42.31 -43.53 -27.44
C SER D 293 -42.57 -42.95 -28.82
N ILE D 294 -43.72 -43.27 -29.41
CA ILE D 294 -44.08 -42.77 -30.73
C ILE D 294 -44.32 -41.27 -30.73
N LEU D 295 -45.07 -40.77 -29.75
CA LEU D 295 -45.33 -39.33 -29.64
C LEU D 295 -44.09 -38.48 -29.37
N TYR D 296 -43.10 -39.05 -28.70
CA TYR D 296 -41.83 -38.37 -28.50
C TYR D 296 -41.21 -38.13 -29.88
N ARG D 297 -41.26 -39.15 -30.72
CA ARG D 297 -40.68 -39.09 -32.06
C ARG D 297 -41.37 -38.08 -32.98
N LEU D 298 -42.68 -37.95 -32.83
CA LEU D 298 -43.43 -37.03 -33.70
C LEU D 298 -43.09 -35.58 -33.36
N HIS D 299 -42.83 -35.33 -32.08
CA HIS D 299 -42.47 -34.00 -31.60
C HIS D 299 -41.03 -33.59 -31.91
N CYS D 300 -40.11 -34.54 -31.80
CA CYS D 300 -38.68 -34.23 -31.97
C CYS D 300 -38.08 -34.86 -33.23
#